data_4QF5
#
_entry.id   4QF5
#
_cell.length_a   44.559
_cell.length_b   89.716
_cell.length_c   126.896
_cell.angle_alpha   90.00
_cell.angle_beta   93.45
_cell.angle_gamma   90.00
#
_symmetry.space_group_name_H-M   'P 1 21 1'
#
loop_
_entity.id
_entity.type
_entity.pdbx_description
1 polymer 'UDP-N-acetylmuramoyl-tripeptide--D-alanyl-D-alanine ligase'
2 non-polymer "ADENOSINE-5'-TRIPHOSPHATE"
3 non-polymer 'MAGNESIUM ION'
#
_entity_poly.entity_id   1
_entity_poly.type   'polypeptide(L)'
_entity_poly.pdbx_seq_one_letter_code
;HHHHHHMHTSTTSTVPLEPWTAQQLQQATQGYWHKDQIPQTEIKRILTDSRHAESGDAFLALKGERFDAHNFVAQVVANG
CQVAIVERPIDAEIAQLVVADTRLALGQLGAYRREQNAQLKVIALTGSSGKTTTKEMLGSILSRLAPTLITRGNLNNDLG
VPMMLLELRKEHQYAVMELGANHQGEIDYTSKIVQPHVAGILNIGTAHLGEFGGRDGICRA(KCX)SEIYRHILPQGVAI
VPQQDDFTAEIREAAKSHQIMSFGEGGDVFATEIELLPQSANFQLHTPQGSSFVRLPFAGEHNVQNATAAVAFALALGVS
LEDIVKGLEQAQGAKGRLNFIQKAPHLFIDDTYNANPTSMRAAAQVLLQQNGIKVMVMGDIGELGDSSWQEHHDLGRDLA
ELPLDHIVAVGQFASAALEGAGLHSTKLKAFQTQAEALPFLINLIQTHQPQSMSFLFKGSRFTHMETLMADLMEKL
;
_entity_poly.pdbx_strand_id   A,B
#
loop_
_chem_comp.id
_chem_comp.type
_chem_comp.name
_chem_comp.formula
ATP non-polymer ADENOSINE-5'-TRIPHOSPHATE 'C10 H16 N5 O13 P3'
MG non-polymer 'MAGNESIUM ION' 'Mg 2'
#
# COMPACT_ATOMS: atom_id res chain seq x y z
N SER A 13 22.95 41.10 -13.57
CA SER A 13 21.78 40.26 -13.74
C SER A 13 21.46 40.03 -15.22
N THR A 14 20.18 40.02 -15.55
CA THR A 14 19.72 39.84 -16.92
C THR A 14 18.54 40.77 -17.19
N VAL A 15 17.80 41.07 -16.13
CA VAL A 15 16.61 41.91 -16.21
C VAL A 15 16.97 43.40 -16.16
N PRO A 16 16.17 44.23 -16.86
CA PRO A 16 16.37 45.69 -16.84
C PRO A 16 16.25 46.24 -15.43
N LEU A 17 17.27 46.94 -14.97
CA LEU A 17 17.31 47.44 -13.60
C LEU A 17 17.19 48.96 -13.54
N GLU A 18 16.80 49.46 -12.38
CA GLU A 18 16.73 50.90 -12.15
C GLU A 18 18.04 51.37 -11.53
N PRO A 19 18.63 52.42 -12.11
CA PRO A 19 19.97 52.92 -11.77
C PRO A 19 20.09 53.48 -10.35
N TRP A 20 21.31 53.47 -9.84
CA TRP A 20 21.62 54.06 -8.54
C TRP A 20 22.46 55.32 -8.72
N THR A 21 22.35 56.24 -7.78
CA THR A 21 23.24 57.39 -7.74
C THR A 21 24.19 57.24 -6.57
N ALA A 22 25.33 57.92 -6.63
CA ALA A 22 26.31 57.87 -5.55
C ALA A 22 25.70 58.32 -4.22
N GLN A 23 24.87 59.37 -4.29
CA GLN A 23 24.18 59.91 -3.13
C GLN A 23 23.27 58.88 -2.47
N GLN A 24 22.50 58.15 -3.28
CA GLN A 24 21.61 57.11 -2.77
C GLN A 24 22.38 56.01 -2.04
N LEU A 25 23.48 55.56 -2.64
CA LEU A 25 24.34 54.55 -2.02
C LEU A 25 24.88 55.05 -0.68
N GLN A 26 25.43 56.26 -0.69
CA GLN A 26 25.99 56.84 0.53
C GLN A 26 24.94 56.97 1.63
N GLN A 27 23.75 57.44 1.26
CA GLN A 27 22.65 57.60 2.21
C GLN A 27 22.21 56.26 2.79
N ALA A 28 22.06 55.28 1.91
CA ALA A 28 21.59 53.95 2.31
C ALA A 28 22.56 53.22 3.22
N THR A 29 23.85 53.26 2.88
CA THR A 29 24.85 52.50 3.62
C THR A 29 25.44 53.26 4.79
N GLN A 30 25.23 54.58 4.79
CA GLN A 30 25.80 55.48 5.79
C GLN A 30 27.33 55.38 5.84
N GLY A 31 27.92 55.06 4.69
CA GLY A 31 29.37 55.00 4.57
C GLY A 31 29.95 56.30 4.03
N TYR A 32 31.24 56.30 3.76
CA TYR A 32 31.91 57.47 3.22
C TYR A 32 32.75 57.12 2.00
N TRP A 33 32.95 58.09 1.12
CA TRP A 33 33.77 57.89 -0.07
C TRP A 33 35.23 58.12 0.24
N HIS A 34 36.05 57.09 0.00
CA HIS A 34 37.49 57.18 0.23
C HIS A 34 38.10 58.26 -0.65
N LYS A 35 38.88 59.15 -0.03
CA LYS A 35 39.53 60.26 -0.73
C LYS A 35 38.51 61.18 -1.42
N ASP A 36 37.27 61.10 -0.97
CA ASP A 36 36.18 61.93 -1.49
C ASP A 36 35.98 61.78 -3.01
N GLN A 37 36.55 60.74 -3.58
CA GLN A 37 36.36 60.44 -5.00
C GLN A 37 34.93 59.94 -5.20
N ILE A 38 34.11 60.77 -5.83
CA ILE A 38 32.71 60.42 -6.07
C ILE A 38 32.43 60.17 -7.55
N PRO A 39 31.88 58.99 -7.87
CA PRO A 39 31.51 58.62 -9.24
C PRO A 39 30.60 59.66 -9.90
N GLN A 40 30.97 60.06 -11.12
CA GLN A 40 30.22 61.08 -11.85
C GLN A 40 29.14 60.45 -12.72
N THR A 41 29.13 59.12 -12.76
CA THR A 41 28.11 58.40 -13.51
C THR A 41 27.16 57.68 -12.58
N GLU A 42 26.00 57.31 -13.09
CA GLU A 42 25.01 56.59 -12.30
C GLU A 42 25.36 55.11 -12.26
N ILE A 43 25.18 54.49 -11.10
CA ILE A 43 25.43 53.06 -10.96
C ILE A 43 24.25 52.28 -11.52
N LYS A 44 24.47 51.57 -12.62
CA LYS A 44 23.39 50.85 -13.28
C LYS A 44 23.07 49.53 -12.59
N ARG A 45 24.03 49.02 -11.82
CA ARG A 45 23.89 47.69 -11.23
C ARG A 45 24.87 47.47 -10.08
N ILE A 46 24.40 46.78 -9.04
CA ILE A 46 25.24 46.37 -7.93
C ILE A 46 25.41 44.86 -7.95
N LEU A 47 26.65 44.40 -8.11
CA LEU A 47 26.90 42.96 -8.17
C LEU A 47 28.03 42.56 -7.23
N THR A 48 28.19 41.25 -7.05
CA THR A 48 29.16 40.73 -6.10
C THR A 48 30.12 39.74 -6.76
N ASP A 49 29.96 39.56 -8.08
CA ASP A 49 30.82 38.67 -8.85
C ASP A 49 31.84 39.49 -9.64
N SER A 50 33.11 39.30 -9.34
CA SER A 50 34.18 40.09 -9.96
C SER A 50 34.34 39.81 -11.45
N ARG A 51 33.89 38.64 -11.90
CA ARG A 51 34.05 38.25 -13.31
C ARG A 51 33.15 39.05 -14.24
N HIS A 52 32.02 39.51 -13.73
CA HIS A 52 31.02 40.18 -14.56
C HIS A 52 30.97 41.68 -14.35
N ALA A 53 31.73 42.17 -13.36
CA ALA A 53 31.78 43.60 -13.07
C ALA A 53 32.39 44.38 -14.24
N GLU A 54 31.56 45.15 -14.93
CA GLU A 54 32.02 45.94 -16.07
C GLU A 54 31.86 47.43 -15.80
N SER A 55 32.13 48.25 -16.81
CA SER A 55 32.00 49.69 -16.67
C SER A 55 30.53 50.09 -16.49
N GLY A 56 30.26 50.81 -15.41
CA GLY A 56 28.90 51.23 -15.11
C GLY A 56 28.35 50.55 -13.87
N ASP A 57 29.02 49.49 -13.45
CA ASP A 57 28.58 48.74 -12.27
C ASP A 57 29.25 49.22 -11.00
N ALA A 58 28.78 48.71 -9.88
CA ALA A 58 29.42 48.92 -8.59
C ALA A 58 29.68 47.56 -7.96
N PHE A 59 30.96 47.28 -7.72
CA PHE A 59 31.34 45.97 -7.18
C PHE A 59 31.23 45.96 -5.67
N LEU A 60 30.49 45.01 -5.11
CA LEU A 60 30.32 44.91 -3.67
C LEU A 60 31.17 43.76 -3.13
N ALA A 61 32.27 44.11 -2.47
CA ALA A 61 33.23 43.12 -1.99
C ALA A 61 32.77 42.43 -0.72
N LEU A 62 32.43 41.15 -0.82
CA LEU A 62 31.97 40.38 0.32
C LEU A 62 33.10 39.54 0.92
N LYS A 63 33.14 39.44 2.24
CA LYS A 63 34.10 38.62 2.94
C LYS A 63 33.43 37.34 3.45
N GLY A 64 33.61 36.25 2.72
CA GLY A 64 32.94 35.00 3.03
C GLY A 64 33.78 34.06 3.86
N GLU A 65 33.41 32.78 3.84
CA GLU A 65 34.12 31.76 4.61
C GLU A 65 35.28 31.19 3.81
N ARG A 66 35.11 31.13 2.49
CA ARG A 66 36.15 30.61 1.61
C ARG A 66 36.77 31.73 0.78
N PHE A 67 36.11 32.89 0.75
CA PHE A 67 36.56 34.00 -0.07
C PHE A 67 36.74 35.31 0.69
N ASP A 68 37.23 36.30 -0.04
CA ASP A 68 37.33 37.67 0.43
C ASP A 68 37.47 38.55 -0.80
N ALA A 69 36.34 38.97 -1.35
CA ALA A 69 36.27 39.63 -2.66
C ALA A 69 37.17 40.86 -2.77
N HIS A 70 37.66 41.37 -1.64
CA HIS A 70 38.59 42.49 -1.65
C HIS A 70 39.85 42.16 -2.45
N ASN A 71 40.17 40.88 -2.56
CA ASN A 71 41.34 40.42 -3.30
C ASN A 71 41.14 40.43 -4.81
N PHE A 72 39.93 40.77 -5.25
CA PHE A 72 39.58 40.69 -6.66
C PHE A 72 39.29 42.05 -7.29
N VAL A 73 39.48 43.11 -6.51
CA VAL A 73 39.20 44.47 -6.97
C VAL A 73 40.00 44.85 -8.22
N ALA A 74 41.25 44.39 -8.29
CA ALA A 74 42.11 44.68 -9.44
C ALA A 74 41.47 44.15 -10.74
N GLN A 75 40.84 42.99 -10.64
CA GLN A 75 40.15 42.39 -11.78
C GLN A 75 39.01 43.29 -12.27
N VAL A 76 38.19 43.77 -11.35
CA VAL A 76 37.06 44.61 -11.73
C VAL A 76 37.54 45.98 -12.22
N VAL A 77 38.72 46.40 -11.77
CA VAL A 77 39.32 47.62 -12.28
C VAL A 77 39.77 47.41 -13.72
N ALA A 78 40.32 46.22 -13.98
CA ALA A 78 40.82 45.88 -15.29
C ALA A 78 39.67 45.63 -16.26
N ASN A 79 38.48 45.40 -15.73
CA ASN A 79 37.32 45.12 -16.56
C ASN A 79 36.43 46.34 -16.80
N GLY A 80 36.83 47.50 -16.29
CA GLY A 80 36.15 48.74 -16.58
C GLY A 80 35.36 49.33 -15.42
N CYS A 81 35.06 48.51 -14.42
CA CYS A 81 34.32 48.95 -13.25
C CYS A 81 35.09 50.01 -12.47
N GLN A 82 34.44 51.13 -12.17
CA GLN A 82 35.10 52.25 -11.50
C GLN A 82 34.53 52.54 -10.11
N VAL A 83 33.53 51.78 -9.68
CA VAL A 83 32.94 51.97 -8.36
C VAL A 83 32.95 50.67 -7.55
N ALA A 84 33.25 50.78 -6.26
CA ALA A 84 33.28 49.62 -5.38
C ALA A 84 32.87 49.98 -3.95
N ILE A 85 32.11 49.10 -3.31
CA ILE A 85 31.77 49.24 -1.90
C ILE A 85 32.58 48.25 -1.09
N VAL A 86 33.38 48.74 -0.15
CA VAL A 86 34.33 47.89 0.57
C VAL A 86 34.26 48.11 2.08
N GLU A 87 34.90 47.21 2.83
CA GLU A 87 34.94 47.30 4.28
C GLU A 87 36.17 48.04 4.78
N ARG A 88 37.05 48.40 3.85
CA ARG A 88 38.32 49.05 4.16
C ARG A 88 38.98 49.61 2.90
N PRO A 89 39.71 50.73 3.05
CA PRO A 89 40.38 51.36 1.90
C PRO A 89 41.39 50.44 1.22
N ILE A 90 41.34 50.37 -0.10
CA ILE A 90 42.23 49.51 -0.87
C ILE A 90 43.11 50.37 -1.77
N ASP A 91 44.31 49.88 -2.10
CA ASP A 91 45.30 50.67 -2.84
C ASP A 91 45.04 50.69 -4.35
N ALA A 92 43.86 50.21 -4.75
CA ALA A 92 43.51 50.15 -6.17
C ALA A 92 42.90 51.46 -6.66
N GLU A 93 43.14 51.80 -7.92
CA GLU A 93 42.60 53.02 -8.51
C GLU A 93 41.11 52.86 -8.85
N ILE A 94 40.27 53.10 -7.84
CA ILE A 94 38.84 52.91 -7.99
C ILE A 94 38.09 53.68 -6.90
N ALA A 95 36.93 54.24 -7.23
CA ALA A 95 36.10 54.91 -6.23
C ALA A 95 35.64 53.90 -5.19
N GLN A 96 35.82 54.23 -3.91
CA GLN A 96 35.55 53.28 -2.83
C GLN A 96 34.64 53.82 -1.74
N LEU A 97 33.45 53.23 -1.62
CA LEU A 97 32.55 53.54 -0.53
C LEU A 97 32.83 52.64 0.66
N VAL A 98 33.35 53.23 1.73
CA VAL A 98 33.77 52.46 2.90
C VAL A 98 32.65 52.34 3.92
N VAL A 99 32.26 51.11 4.23
CA VAL A 99 31.21 50.85 5.20
C VAL A 99 31.75 50.00 6.35
N ALA A 100 30.95 49.84 7.41
CA ALA A 100 31.36 49.02 8.55
C ALA A 100 31.43 47.54 8.17
N ASP A 101 30.42 47.07 7.44
CA ASP A 101 30.35 45.67 7.03
C ASP A 101 29.51 45.53 5.76
N THR A 102 30.15 45.08 4.68
CA THR A 102 29.51 45.01 3.37
C THR A 102 28.29 44.07 3.36
N ARG A 103 28.35 43.04 4.18
CA ARG A 103 27.24 42.10 4.30
C ARG A 103 25.98 42.81 4.77
N LEU A 104 26.10 43.56 5.85
CA LEU A 104 24.98 44.33 6.39
C LEU A 104 24.59 45.48 5.45
N ALA A 105 25.59 46.03 4.77
CA ALA A 105 25.38 47.14 3.84
C ALA A 105 24.53 46.73 2.64
N LEU A 106 24.71 45.50 2.18
CA LEU A 106 23.91 44.98 1.08
C LEU A 106 22.44 44.92 1.50
N GLY A 107 22.21 44.43 2.71
CA GLY A 107 20.88 44.38 3.29
C GLY A 107 20.29 45.77 3.44
N GLN A 108 21.13 46.73 3.79
CA GLN A 108 20.70 48.12 3.94
C GLN A 108 20.30 48.69 2.59
N LEU A 109 21.01 48.28 1.54
CA LEU A 109 20.68 48.70 0.18
C LEU A 109 19.33 48.13 -0.24
N GLY A 110 19.13 46.84 0.03
CA GLY A 110 17.87 46.19 -0.27
C GLY A 110 16.70 46.82 0.46
N ALA A 111 16.90 47.14 1.73
CA ALA A 111 15.86 47.77 2.55
C ALA A 111 15.54 49.16 2.03
N TYR A 112 16.58 49.92 1.68
CA TYR A 112 16.42 51.27 1.17
C TYR A 112 15.63 51.25 -0.14
N ARG A 113 15.99 50.35 -1.04
CA ARG A 113 15.30 50.26 -2.32
C ARG A 113 13.86 49.78 -2.14
N ARG A 114 13.64 48.87 -1.20
CA ARG A 114 12.28 48.39 -0.94
C ARG A 114 11.40 49.52 -0.39
N GLU A 115 11.98 50.38 0.43
CA GLU A 115 11.22 51.49 1.00
C GLU A 115 10.77 52.48 -0.08
N GLN A 116 11.62 52.70 -1.08
CA GLN A 116 11.31 53.66 -2.13
C GLN A 116 10.17 53.19 -3.04
N ASN A 117 9.88 51.90 -2.99
CA ASN A 117 8.79 51.33 -3.79
C ASN A 117 7.53 51.14 -2.97
N ALA A 118 6.87 52.25 -2.63
CA ALA A 118 5.70 52.20 -1.76
C ALA A 118 4.42 51.77 -2.48
N GLN A 119 4.52 51.54 -3.79
CA GLN A 119 3.36 51.14 -4.58
C GLN A 119 3.23 49.63 -4.63
N LEU A 120 3.96 48.96 -3.74
CA LEU A 120 4.11 47.52 -3.80
C LEU A 120 3.21 46.78 -2.82
N LYS A 121 2.80 45.58 -3.21
CA LYS A 121 2.14 44.63 -2.32
C LYS A 121 3.05 43.43 -2.12
N VAL A 122 3.56 43.23 -0.91
CA VAL A 122 4.61 42.25 -0.69
C VAL A 122 4.19 41.01 0.10
N ILE A 123 4.54 39.84 -0.44
CA ILE A 123 4.33 38.57 0.22
C ILE A 123 5.66 37.99 0.71
N ALA A 124 5.70 37.55 1.96
CA ALA A 124 6.86 36.83 2.48
C ALA A 124 6.41 35.49 3.03
N LEU A 125 7.02 34.40 2.55
CA LEU A 125 6.60 33.08 3.00
C LEU A 125 7.81 32.23 3.35
N THR A 126 7.60 31.32 4.30
CA THR A 126 8.66 30.42 4.72
C THR A 126 8.07 29.07 5.09
N GLY A 127 8.93 28.09 5.31
CA GLY A 127 8.49 26.74 5.63
C GLY A 127 9.64 25.77 5.43
N SER A 128 9.57 24.63 6.10
CA SER A 128 10.61 23.62 5.97
C SER A 128 10.71 23.14 4.53
N SER A 129 9.56 22.93 3.90
CA SER A 129 9.53 22.46 2.53
C SER A 129 8.30 22.99 1.78
N GLY A 130 8.48 23.34 0.50
CA GLY A 130 7.40 23.81 -0.33
C GLY A 130 7.42 25.29 -0.65
N LYS A 131 8.46 25.98 -0.18
CA LYS A 131 8.57 27.43 -0.37
C LYS A 131 8.65 27.85 -1.85
N THR A 132 9.55 27.21 -2.60
CA THR A 132 9.75 27.57 -4.00
C THR A 132 8.51 27.24 -4.84
N THR A 133 7.87 26.11 -4.52
CA THR A 133 6.69 25.68 -5.26
C THR A 133 5.51 26.64 -5.04
N THR A 134 5.27 27.01 -3.79
CA THR A 134 4.19 27.92 -3.46
C THR A 134 4.49 29.29 -4.04
N LYS A 135 5.78 29.64 -4.05
CA LYS A 135 6.21 30.89 -4.67
C LYS A 135 5.92 30.89 -6.16
N GLU A 136 6.08 29.74 -6.80
CA GLU A 136 5.79 29.60 -8.23
C GLU A 136 4.28 29.69 -8.49
N MET A 137 3.48 29.08 -7.64
CA MET A 137 2.03 29.16 -7.74
C MET A 137 1.55 30.61 -7.60
N LEU A 138 2.01 31.28 -6.56
CA LEU A 138 1.67 32.68 -6.31
C LEU A 138 2.12 33.59 -7.43
N GLY A 139 3.32 33.33 -7.94
CA GLY A 139 3.84 34.08 -9.07
C GLY A 139 2.95 33.91 -10.28
N SER A 140 2.51 32.68 -10.52
CA SER A 140 1.64 32.39 -11.66
C SER A 140 0.31 33.12 -11.53
N ILE A 141 -0.22 33.16 -10.31
CA ILE A 141 -1.48 33.84 -10.07
C ILE A 141 -1.37 35.36 -10.27
N LEU A 142 -0.36 35.96 -9.64
CA LEU A 142 -0.22 37.40 -9.64
C LEU A 142 0.27 37.98 -10.98
N SER A 143 1.10 37.23 -11.68
CA SER A 143 1.67 37.71 -12.95
C SER A 143 0.62 37.98 -14.03
N ARG A 144 -0.56 37.38 -13.88
CA ARG A 144 -1.63 37.56 -14.83
C ARG A 144 -2.35 38.88 -14.60
N LEU A 145 -2.08 39.52 -13.46
CA LEU A 145 -2.78 40.73 -13.07
C LEU A 145 -1.91 41.97 -13.23
N ALA A 146 -0.63 41.84 -12.87
CA ALA A 146 0.29 42.97 -12.88
C ALA A 146 1.73 42.45 -12.87
N PRO A 147 2.70 43.31 -13.24
CA PRO A 147 4.11 42.92 -13.14
C PRO A 147 4.50 42.49 -11.74
N THR A 148 5.08 41.29 -11.62
CA THR A 148 5.40 40.72 -10.32
C THR A 148 6.89 40.36 -10.24
N LEU A 149 7.49 40.62 -9.08
CA LEU A 149 8.85 40.20 -8.84
C LEU A 149 8.87 39.05 -7.83
N ILE A 150 9.25 37.87 -8.28
CA ILE A 150 9.34 36.72 -7.37
C ILE A 150 10.79 36.30 -7.20
N THR A 151 11.10 35.72 -6.05
CA THR A 151 12.44 35.25 -5.73
C THR A 151 12.98 34.31 -6.81
N ARG A 152 14.20 34.57 -7.26
CA ARG A 152 14.80 33.79 -8.33
C ARG A 152 15.82 32.79 -7.76
N GLY A 153 15.59 31.51 -8.06
CA GLY A 153 16.48 30.45 -7.63
C GLY A 153 16.58 30.26 -6.13
N ASN A 154 17.83 30.16 -5.65
CA ASN A 154 18.10 29.85 -4.24
C ASN A 154 18.38 31.10 -3.43
N LEU A 155 18.16 32.26 -4.03
CA LEU A 155 18.45 33.53 -3.39
C LEU A 155 17.42 33.85 -2.32
N ASN A 156 17.43 33.07 -1.23
CA ASN A 156 16.43 33.22 -0.18
C ASN A 156 17.03 33.37 1.22
N ASN A 157 18.33 33.66 1.28
CA ASN A 157 19.00 33.80 2.58
C ASN A 157 19.32 35.26 2.91
N ASP A 158 20.20 35.46 3.88
CA ASP A 158 20.53 36.81 4.35
C ASP A 158 21.25 37.65 3.30
N LEU A 159 21.85 36.98 2.31
CA LEU A 159 22.51 37.68 1.23
C LEU A 159 21.63 37.75 -0.02
N GLY A 160 20.85 36.69 -0.23
CA GLY A 160 20.02 36.57 -1.43
C GLY A 160 18.81 37.48 -1.50
N VAL A 161 18.13 37.64 -0.37
CA VAL A 161 16.92 38.47 -0.32
C VAL A 161 17.18 39.93 -0.71
N PRO A 162 18.21 40.57 -0.13
CA PRO A 162 18.45 41.95 -0.60
C PRO A 162 18.89 41.99 -2.06
N MET A 163 19.61 40.96 -2.51
CA MET A 163 20.02 40.88 -3.91
C MET A 163 18.81 40.87 -4.82
N MET A 164 17.75 40.19 -4.37
CA MET A 164 16.52 40.13 -5.14
C MET A 164 15.75 41.46 -5.05
N LEU A 165 15.87 42.12 -3.91
CA LEU A 165 15.24 43.42 -3.72
C LEU A 165 15.87 44.49 -4.61
N LEU A 166 17.15 44.33 -4.92
CA LEU A 166 17.85 45.26 -5.80
C LEU A 166 17.27 45.31 -7.22
N GLU A 167 16.38 44.37 -7.53
CA GLU A 167 15.77 44.28 -8.85
C GLU A 167 14.41 44.97 -8.91
N LEU A 168 14.02 45.62 -7.83
CA LEU A 168 12.71 46.27 -7.75
C LEU A 168 12.57 47.44 -8.72
N ARG A 169 11.40 47.54 -9.34
CA ARG A 169 11.09 48.62 -10.27
C ARG A 169 9.74 49.24 -9.93
N LYS A 170 9.41 50.35 -10.57
CA LYS A 170 8.18 51.05 -10.23
C LYS A 170 6.97 50.47 -10.96
N GLU A 171 7.24 49.62 -11.96
CA GLU A 171 6.18 48.93 -12.67
C GLU A 171 5.63 47.77 -11.83
N HIS A 172 6.46 47.26 -10.92
CA HIS A 172 6.11 46.15 -10.07
C HIS A 172 5.00 46.51 -9.10
N GLN A 173 3.94 45.69 -9.08
CA GLN A 173 2.80 45.92 -8.19
C GLN A 173 2.80 44.90 -7.06
N TYR A 174 3.25 43.69 -7.37
CA TYR A 174 3.34 42.62 -6.37
C TYR A 174 4.76 42.08 -6.25
N ALA A 175 5.10 41.58 -5.07
CA ALA A 175 6.40 40.97 -4.84
C ALA A 175 6.27 39.75 -3.92
N VAL A 176 6.71 38.60 -4.42
CA VAL A 176 6.67 37.37 -3.64
C VAL A 176 8.09 36.98 -3.24
N MET A 177 8.40 37.17 -1.96
CA MET A 177 9.76 36.93 -1.48
C MET A 177 9.83 35.66 -0.64
N GLU A 178 10.57 34.67 -1.13
CA GLU A 178 10.76 33.42 -0.42
C GLU A 178 11.85 33.57 0.63
N LEU A 179 11.54 33.25 1.88
CA LEU A 179 12.49 33.42 2.98
C LEU A 179 12.90 32.09 3.60
N GLY A 180 14.18 31.76 3.49
CA GLY A 180 14.71 30.52 4.03
C GLY A 180 15.37 30.69 5.38
N ALA A 181 15.19 29.70 6.26
CA ALA A 181 15.85 29.70 7.56
C ALA A 181 17.09 28.80 7.56
N ASN A 182 18.25 29.40 7.31
CA ASN A 182 19.49 28.65 7.35
C ASN A 182 20.04 28.58 8.78
N HIS A 183 19.62 29.52 9.61
CA HIS A 183 20.01 29.56 11.02
C HIS A 183 19.07 30.46 11.83
N GLN A 184 19.25 30.47 13.14
CA GLN A 184 18.40 31.26 14.02
C GLN A 184 18.66 32.76 13.89
N GLY A 185 17.60 33.54 13.79
CA GLY A 185 17.71 34.98 13.67
C GLY A 185 17.68 35.48 12.23
N GLU A 186 17.95 34.59 11.29
CA GLU A 186 18.02 34.92 9.88
C GLU A 186 16.71 35.52 9.37
N ILE A 187 15.61 34.80 9.59
CA ILE A 187 14.29 35.23 9.12
C ILE A 187 13.88 36.56 9.75
N ASP A 188 14.30 36.81 10.98
CA ASP A 188 14.01 38.08 11.62
C ASP A 188 14.64 39.23 10.82
N TYR A 189 15.89 39.02 10.43
CA TYR A 189 16.68 39.98 9.66
C TYR A 189 16.09 40.22 8.28
N THR A 190 15.93 39.14 7.51
CA THR A 190 15.44 39.24 6.14
C THR A 190 14.02 39.79 6.10
N SER A 191 13.15 39.30 6.98
CA SER A 191 11.77 39.78 7.05
C SER A 191 11.72 41.24 7.45
N LYS A 192 12.61 41.65 8.34
CA LYS A 192 12.67 43.06 8.71
C LYS A 192 13.06 43.90 7.50
N ILE A 193 13.95 43.37 6.67
CA ILE A 193 14.33 44.06 5.43
C ILE A 193 13.17 44.12 4.41
N VAL A 194 12.43 43.03 4.30
CA VAL A 194 11.39 42.88 3.28
C VAL A 194 10.16 43.75 3.54
N GLN A 195 9.76 43.86 4.81
CA GLN A 195 8.56 44.61 5.21
C GLN A 195 7.31 44.11 4.48
N PRO A 196 6.84 42.90 4.81
CA PRO A 196 5.73 42.28 4.08
C PRO A 196 4.34 42.75 4.54
N HIS A 197 3.39 42.72 3.60
CA HIS A 197 2.00 42.97 3.92
C HIS A 197 1.32 41.67 4.33
N VAL A 198 1.73 40.59 3.68
CA VAL A 198 1.23 39.26 3.98
C VAL A 198 2.40 38.31 4.24
N ALA A 199 2.37 37.62 5.38
CA ALA A 199 3.45 36.71 5.73
C ALA A 199 2.92 35.47 6.42
N GLY A 200 3.67 34.37 6.34
CA GLY A 200 3.24 33.14 6.96
C GLY A 200 4.17 31.95 6.77
N ILE A 201 3.82 30.86 7.45
CA ILE A 201 4.60 29.63 7.41
C ILE A 201 3.80 28.54 6.71
N LEU A 202 4.42 27.83 5.78
CA LEU A 202 3.76 26.73 5.08
C LEU A 202 3.63 25.49 5.96
N ASN A 203 4.72 25.12 6.61
CA ASN A 203 4.73 23.93 7.46
C ASN A 203 5.96 23.86 8.35
N ILE A 204 5.90 23.02 9.37
CA ILE A 204 7.06 22.74 10.21
C ILE A 204 7.44 21.29 10.00
N GLY A 205 8.48 21.08 9.20
CA GLY A 205 8.90 19.74 8.82
C GLY A 205 10.14 19.27 9.54
N THR A 206 11.10 18.75 8.77
CA THR A 206 12.30 18.14 9.33
C THR A 206 13.60 18.68 8.71
N ALA A 207 13.49 19.75 7.94
CA ALA A 207 14.67 20.34 7.30
C ALA A 207 15.52 21.13 8.29
N HIS A 208 16.83 21.02 8.14
CA HIS A 208 17.81 21.73 8.98
C HIS A 208 17.72 21.35 10.45
N LEU A 209 17.38 20.09 10.71
CA LEU A 209 17.24 19.60 12.08
C LEU A 209 18.55 19.74 12.86
N GLY A 210 19.67 19.74 12.15
CA GLY A 210 20.98 19.88 12.78
C GLY A 210 21.25 21.26 13.34
N GLU A 211 20.91 22.28 12.57
CA GLU A 211 21.18 23.65 12.98
C GLU A 211 20.36 24.08 14.19
N PHE A 212 19.07 23.72 14.18
CA PHE A 212 18.17 24.17 15.21
C PHE A 212 18.03 23.16 16.35
N GLY A 213 18.46 21.92 16.10
CA GLY A 213 18.38 20.87 17.10
C GLY A 213 16.96 20.62 17.58
N GLY A 214 16.14 20.02 16.73
CA GLY A 214 14.76 19.74 17.08
C GLY A 214 13.80 20.66 16.35
N ARG A 215 12.59 20.17 16.12
CA ARG A 215 11.56 20.93 15.41
C ARG A 215 11.10 22.16 16.19
N ASP A 216 11.34 22.15 17.50
CA ASP A 216 11.00 23.28 18.35
C ASP A 216 11.83 24.50 17.97
N GLY A 217 13.09 24.26 17.60
CA GLY A 217 13.98 25.32 17.18
C GLY A 217 13.58 25.86 15.82
N ILE A 218 13.12 24.96 14.96
CA ILE A 218 12.65 25.34 13.63
C ILE A 218 11.43 26.26 13.75
N CYS A 219 10.49 25.85 14.58
CA CYS A 219 9.28 26.64 14.82
C CYS A 219 9.62 28.02 15.37
N ARG A 220 10.50 28.06 16.38
CA ARG A 220 10.90 29.31 17.01
C ARG A 220 11.62 30.23 16.02
N ALA A 221 12.38 29.64 15.11
CA ALA A 221 13.15 30.42 14.14
C ALA A 221 12.28 30.92 12.98
N KCX A 222 11.22 30.18 12.66
CA KCX A 222 10.40 30.52 11.56
CB KCX A 222 9.87 29.25 10.88
CG KCX A 222 11.05 28.59 10.15
CD KCX A 222 10.55 27.43 9.26
CE KCX A 222 11.18 27.61 7.88
NZ KCX A 222 12.25 26.66 7.66
C KCX A 222 9.27 31.43 12.00
O KCX A 222 8.63 32.09 11.13
CX KCX A 222 13.00 26.72 6.43
OQ1 KCX A 222 12.98 27.78 5.74
OQ2 KCX A 222 13.69 25.73 6.04
N SER A 223 9.00 31.50 13.29
CA SER A 223 7.96 32.37 13.80
C SER A 223 8.38 33.84 13.78
N GLU A 224 9.64 34.08 13.45
CA GLU A 224 10.18 35.44 13.38
C GLU A 224 9.56 36.25 12.24
N ILE A 225 8.93 35.56 11.29
CA ILE A 225 8.40 36.20 10.10
C ILE A 225 7.15 37.04 10.40
N TYR A 226 6.57 36.84 11.57
CA TYR A 226 5.35 37.57 11.94
C TYR A 226 5.65 38.91 12.62
N ARG A 227 6.88 39.09 13.09
CA ARG A 227 7.23 40.29 13.86
C ARG A 227 7.20 41.56 13.04
N HIS A 228 7.49 41.45 11.75
CA HIS A 228 7.68 42.63 10.92
C HIS A 228 6.64 42.76 9.83
N ILE A 229 5.45 42.23 10.09
CA ILE A 229 4.32 42.44 9.19
C ILE A 229 3.81 43.86 9.37
N LEU A 230 3.70 44.59 8.26
CA LEU A 230 3.19 45.97 8.29
C LEU A 230 1.78 46.05 8.86
N PRO A 231 1.42 47.19 9.46
CA PRO A 231 0.06 47.43 9.97
C PRO A 231 -0.99 47.19 8.90
N GLN A 232 -2.16 46.70 9.31
CA GLN A 232 -3.21 46.22 8.41
C GLN A 232 -2.75 44.99 7.64
N GLY A 233 -1.69 44.34 8.12
CA GLY A 233 -1.17 43.16 7.46
C GLY A 233 -1.91 41.90 7.87
N VAL A 234 -1.71 40.83 7.10
CA VAL A 234 -2.39 39.57 7.36
C VAL A 234 -1.39 38.45 7.57
N ALA A 235 -1.55 37.70 8.66
CA ALA A 235 -0.71 36.56 8.95
C ALA A 235 -1.34 35.29 8.42
N ILE A 236 -0.54 34.43 7.80
CA ILE A 236 -1.05 33.17 7.28
C ILE A 236 -0.51 31.99 8.09
N VAL A 237 -1.41 31.23 8.70
CA VAL A 237 -0.99 30.08 9.50
C VAL A 237 -1.55 28.77 8.97
N PRO A 238 -0.79 27.67 9.11
CA PRO A 238 -1.32 26.35 8.76
C PRO A 238 -2.29 25.84 9.83
N GLN A 239 -3.45 25.35 9.40
CA GLN A 239 -4.44 24.83 10.35
C GLN A 239 -4.05 23.44 10.85
N GLN A 240 -3.51 22.62 9.95
CA GLN A 240 -3.15 21.25 10.30
C GLN A 240 -1.65 21.05 10.35
N ASP A 241 -1.05 21.50 11.45
CA ASP A 241 0.38 21.33 11.66
C ASP A 241 0.64 21.05 13.14
N ASP A 242 1.70 20.31 13.43
CA ASP A 242 2.00 19.91 14.80
C ASP A 242 2.25 21.10 15.72
N PHE A 243 2.61 22.24 15.15
CA PHE A 243 2.93 23.43 15.92
C PHE A 243 1.97 24.59 15.65
N THR A 244 0.76 24.27 15.21
CA THR A 244 -0.22 25.29 14.86
C THR A 244 -0.50 26.27 16.01
N ALA A 245 -0.57 25.77 17.24
CA ALA A 245 -0.86 26.60 18.41
C ALA A 245 0.26 27.61 18.66
N GLU A 246 1.49 27.12 18.67
CA GLU A 246 2.66 27.95 18.89
C GLU A 246 2.75 29.04 17.83
N ILE A 247 2.28 28.73 16.63
CA ILE A 247 2.25 29.68 15.53
C ILE A 247 1.15 30.73 15.75
N ARG A 248 -0.03 30.27 16.17
CA ARG A 248 -1.14 31.18 16.47
C ARG A 248 -0.75 32.19 17.54
N GLU A 249 0.04 31.75 18.51
CA GLU A 249 0.56 32.67 19.52
C GLU A 249 1.48 33.71 18.90
N ALA A 250 2.40 33.25 18.05
CA ALA A 250 3.35 34.14 17.39
C ALA A 250 2.66 35.15 16.47
N ALA A 251 1.45 34.82 16.01
CA ALA A 251 0.74 35.66 15.05
C ALA A 251 -0.48 36.34 15.64
N LYS A 252 -0.60 36.31 16.97
CA LYS A 252 -1.79 36.82 17.64
C LYS A 252 -2.01 38.33 17.45
N SER A 253 -0.93 39.05 17.12
CA SER A 253 -1.02 40.51 17.01
C SER A 253 -1.46 40.95 15.61
N HIS A 254 -1.85 39.99 14.78
CA HIS A 254 -2.32 40.30 13.43
C HIS A 254 -3.63 39.59 13.12
N GLN A 255 -4.28 40.01 12.05
CA GLN A 255 -5.41 39.27 11.52
C GLN A 255 -4.90 38.03 10.80
N ILE A 256 -5.57 36.90 11.03
CA ILE A 256 -5.07 35.62 10.55
C ILE A 256 -5.99 34.90 9.57
N MET A 257 -5.40 34.46 8.45
CA MET A 257 -6.06 33.55 7.54
C MET A 257 -5.36 32.19 7.64
N SER A 258 -6.14 31.12 7.73
CA SER A 258 -5.55 29.79 7.87
C SER A 258 -5.91 28.87 6.72
N PHE A 259 -5.01 27.95 6.40
CA PHE A 259 -5.25 26.95 5.38
C PHE A 259 -5.15 25.53 5.97
N GLY A 260 -5.98 24.62 5.45
CA GLY A 260 -6.03 23.27 5.95
C GLY A 260 -7.42 22.93 6.45
N GLU A 261 -7.66 21.66 6.75
CA GLU A 261 -8.97 21.21 7.22
C GLU A 261 -9.36 21.93 8.51
N GLY A 262 -10.52 22.58 8.48
CA GLY A 262 -10.99 23.34 9.62
C GLY A 262 -10.61 24.81 9.53
N GLY A 263 -9.77 25.13 8.56
CA GLY A 263 -9.34 26.50 8.35
C GLY A 263 -10.23 27.24 7.38
N ASP A 264 -9.79 28.42 6.95
CA ASP A 264 -10.55 29.24 6.02
C ASP A 264 -10.49 28.66 4.60
N VAL A 265 -9.32 28.18 4.21
CA VAL A 265 -9.12 27.61 2.88
C VAL A 265 -8.75 26.13 3.00
N PHE A 266 -9.56 25.25 2.40
CA PHE A 266 -9.26 23.83 2.46
C PHE A 266 -9.72 23.10 1.22
N ALA A 267 -9.34 21.83 1.11
CA ALA A 267 -9.68 21.04 -0.07
C ALA A 267 -10.38 19.74 0.32
N THR A 268 -11.41 19.39 -0.45
CA THR A 268 -12.13 18.13 -0.24
C THR A 268 -12.30 17.40 -1.56
N GLU A 269 -12.68 16.13 -1.49
CA GLU A 269 -12.91 15.30 -2.67
C GLU A 269 -11.67 15.30 -3.58
N ILE A 270 -10.51 15.07 -2.97
CA ILE A 270 -9.24 15.09 -3.68
C ILE A 270 -9.04 13.82 -4.52
N GLU A 271 -8.77 14.02 -5.81
CA GLU A 271 -8.48 12.91 -6.72
C GLU A 271 -7.05 12.97 -7.22
N LEU A 272 -6.20 12.09 -6.70
CA LEU A 272 -4.78 12.09 -7.05
C LEU A 272 -4.50 11.35 -8.35
N LEU A 273 -3.79 12.02 -9.26
CA LEU A 273 -3.41 11.47 -10.54
C LEU A 273 -1.89 11.40 -10.66
N PRO A 274 -1.37 10.49 -11.51
CA PRO A 274 0.07 10.30 -11.71
C PRO A 274 0.90 11.60 -11.84
N GLN A 275 0.38 12.59 -12.57
CA GLN A 275 1.10 13.84 -12.76
C GLN A 275 0.29 15.08 -12.39
N SER A 276 -0.83 14.88 -11.72
CA SER A 276 -1.73 16.00 -11.40
C SER A 276 -2.62 15.68 -10.22
N ALA A 277 -3.51 16.61 -9.91
CA ALA A 277 -4.47 16.42 -8.83
C ALA A 277 -5.72 17.26 -9.08
N ASN A 278 -6.88 16.64 -8.99
CA ASN A 278 -8.13 17.37 -9.12
C ASN A 278 -8.80 17.44 -7.75
N PHE A 279 -9.35 18.59 -7.39
CA PHE A 279 -10.00 18.69 -6.09
C PHE A 279 -11.02 19.81 -5.98
N GLN A 280 -11.80 19.75 -4.91
CA GLN A 280 -12.79 20.76 -4.59
C GLN A 280 -12.20 21.77 -3.62
N LEU A 281 -12.02 23.00 -4.09
CA LEU A 281 -11.45 24.07 -3.30
C LEU A 281 -12.51 24.89 -2.58
N HIS A 282 -12.37 24.99 -1.27
CA HIS A 282 -13.29 25.75 -0.44
C HIS A 282 -12.59 26.94 0.20
N THR A 283 -13.13 28.13 -0.09
CA THR A 283 -12.61 29.39 0.44
C THR A 283 -13.77 30.22 0.97
N PRO A 284 -13.48 31.20 1.85
CA PRO A 284 -14.54 32.09 2.33
C PRO A 284 -15.14 32.96 1.23
N GLN A 285 -14.52 32.97 0.07
CA GLN A 285 -15.03 33.72 -1.08
C GLN A 285 -15.79 32.80 -2.04
N GLY A 286 -16.03 31.57 -1.61
CA GLY A 286 -16.77 30.62 -2.42
C GLY A 286 -16.03 29.32 -2.67
N SER A 287 -16.62 28.46 -3.50
CA SER A 287 -16.03 27.17 -3.82
C SER A 287 -15.78 27.03 -5.32
N SER A 288 -14.77 26.24 -5.68
CA SER A 288 -14.44 26.05 -7.09
C SER A 288 -13.68 24.75 -7.34
N PHE A 289 -13.89 24.15 -8.51
CA PHE A 289 -13.16 22.95 -8.90
C PHE A 289 -11.78 23.30 -9.45
N VAL A 290 -10.76 22.55 -9.03
CA VAL A 290 -9.39 22.86 -9.41
C VAL A 290 -8.65 21.67 -10.06
N ARG A 291 -8.10 21.93 -11.23
CA ARG A 291 -7.23 20.99 -11.93
C ARG A 291 -5.78 21.41 -11.73
N LEU A 292 -5.17 20.96 -10.65
CA LEU A 292 -3.78 21.33 -10.34
C LEU A 292 -2.79 20.46 -11.11
N PRO A 293 -1.91 21.09 -11.90
CA PRO A 293 -0.86 20.40 -12.66
C PRO A 293 0.33 19.98 -11.81
N PHE A 294 0.09 19.67 -10.54
CA PHE A 294 1.14 19.21 -9.64
C PHE A 294 0.75 17.90 -8.98
N ALA A 295 1.67 16.94 -8.96
CA ALA A 295 1.39 15.64 -8.37
C ALA A 295 1.60 15.65 -6.86
N GLY A 296 0.84 14.82 -6.16
CA GLY A 296 0.99 14.69 -4.72
C GLY A 296 0.01 15.52 -3.92
N GLU A 297 -0.35 15.01 -2.74
CA GLU A 297 -1.26 15.70 -1.84
C GLU A 297 -0.58 16.93 -1.22
N HIS A 298 0.73 16.85 -1.08
CA HIS A 298 1.51 17.94 -0.51
C HIS A 298 1.43 19.20 -1.37
N ASN A 299 1.34 19.01 -2.69
CA ASN A 299 1.21 20.14 -3.60
C ASN A 299 -0.20 20.71 -3.56
N VAL A 300 -1.14 19.90 -3.11
CA VAL A 300 -2.50 20.35 -2.88
C VAL A 300 -2.50 21.27 -1.67
N GLN A 301 -1.82 20.82 -0.60
CA GLN A 301 -1.66 21.63 0.60
C GLN A 301 -0.99 22.98 0.25
N ASN A 302 0.11 22.91 -0.49
CA ASN A 302 0.78 24.10 -0.99
C ASN A 302 -0.18 25.01 -1.75
N ALA A 303 -1.00 24.41 -2.60
CA ALA A 303 -1.98 25.15 -3.39
C ALA A 303 -2.92 25.92 -2.48
N THR A 304 -3.45 25.24 -1.46
CA THR A 304 -4.35 25.90 -0.51
C THR A 304 -3.66 27.07 0.17
N ALA A 305 -2.40 26.89 0.55
CA ALA A 305 -1.63 27.99 1.14
C ALA A 305 -1.56 29.19 0.20
N ALA A 306 -1.18 28.92 -1.05
CA ALA A 306 -1.08 29.96 -2.08
C ALA A 306 -2.41 30.70 -2.22
N VAL A 307 -3.50 29.95 -2.20
CA VAL A 307 -4.84 30.51 -2.29
C VAL A 307 -5.06 31.47 -1.13
N ALA A 308 -4.72 31.03 0.08
CA ALA A 308 -4.85 31.88 1.26
C ALA A 308 -4.09 33.19 1.09
N PHE A 309 -2.87 33.12 0.54
CA PHE A 309 -2.07 34.32 0.29
C PHE A 309 -2.76 35.27 -0.70
N ALA A 310 -3.17 34.72 -1.84
CA ALA A 310 -3.80 35.53 -2.89
C ALA A 310 -5.05 36.21 -2.38
N LEU A 311 -5.89 35.46 -1.67
CA LEU A 311 -7.08 36.02 -1.02
C LEU A 311 -6.71 37.13 -0.06
N ALA A 312 -5.62 36.92 0.69
CA ALA A 312 -5.16 37.93 1.63
C ALA A 312 -4.78 39.21 0.89
N LEU A 313 -4.37 39.08 -0.37
CA LEU A 313 -4.07 40.26 -1.18
C LEU A 313 -5.29 40.80 -1.92
N GLY A 314 -6.42 40.11 -1.80
CA GLY A 314 -7.66 40.57 -2.43
C GLY A 314 -7.87 40.09 -3.85
N VAL A 315 -7.15 39.06 -4.26
CA VAL A 315 -7.33 38.47 -5.57
C VAL A 315 -8.63 37.67 -5.65
N SER A 316 -9.37 37.83 -6.74
CA SER A 316 -10.62 37.10 -6.92
C SER A 316 -10.36 35.61 -7.14
N LEU A 317 -11.31 34.77 -6.74
CA LEU A 317 -11.16 33.33 -6.81
C LEU A 317 -10.93 32.83 -8.24
N GLU A 318 -11.60 33.46 -9.21
CA GLU A 318 -11.47 33.05 -10.61
C GLU A 318 -10.02 33.22 -11.09
N ASP A 319 -9.42 34.35 -10.76
CA ASP A 319 -8.03 34.61 -11.13
C ASP A 319 -7.08 33.67 -10.42
N ILE A 320 -7.46 33.24 -9.21
CA ILE A 320 -6.66 32.30 -8.45
C ILE A 320 -6.66 30.93 -9.11
N VAL A 321 -7.84 30.46 -9.51
CA VAL A 321 -7.96 29.18 -10.18
C VAL A 321 -7.24 29.22 -11.53
N LYS A 322 -7.44 30.31 -12.26
CA LYS A 322 -6.77 30.52 -13.55
C LYS A 322 -5.25 30.46 -13.37
N GLY A 323 -4.76 31.11 -12.33
CA GLY A 323 -3.34 31.13 -12.03
C GLY A 323 -2.79 29.77 -11.65
N LEU A 324 -3.56 29.04 -10.86
CA LEU A 324 -3.15 27.71 -10.42
C LEU A 324 -3.06 26.72 -11.57
N GLU A 325 -4.10 26.67 -12.40
CA GLU A 325 -4.19 25.66 -13.44
C GLU A 325 -3.10 25.76 -14.51
N GLN A 326 -2.41 26.90 -14.59
CA GLN A 326 -1.36 27.06 -15.60
C GLN A 326 0.01 27.38 -14.98
N ALA A 327 0.20 27.00 -13.72
CA ALA A 327 1.48 27.21 -13.05
C ALA A 327 2.48 26.12 -13.44
N GLN A 328 3.78 26.43 -13.33
CA GLN A 328 4.82 25.48 -13.67
C GLN A 328 5.82 25.30 -12.53
N GLY A 329 6.25 24.05 -12.32
CA GLY A 329 7.19 23.73 -11.25
C GLY A 329 8.63 24.05 -11.56
N ALA A 330 9.44 24.17 -10.51
CA ALA A 330 10.86 24.47 -10.64
C ALA A 330 11.68 23.24 -11.00
N LYS A 331 12.90 23.46 -11.50
CA LYS A 331 13.79 22.37 -11.89
C LYS A 331 14.21 21.53 -10.68
N GLY A 332 14.13 20.21 -10.83
CA GLY A 332 14.55 19.32 -9.77
C GLY A 332 13.49 19.05 -8.73
N ARG A 333 12.29 19.61 -8.93
CA ARG A 333 11.17 19.36 -8.03
C ARG A 333 10.08 18.56 -8.72
N LEU A 334 10.17 17.24 -8.63
CA LEU A 334 9.23 16.32 -9.26
C LEU A 334 8.96 16.66 -10.73
N ASN A 335 10.03 16.73 -11.52
CA ASN A 335 9.90 16.95 -12.96
C ASN A 335 9.76 15.63 -13.70
N PHE A 336 8.65 15.45 -14.41
CA PHE A 336 8.43 14.20 -15.12
C PHE A 336 9.13 14.18 -16.48
N ILE A 337 10.15 13.33 -16.57
CA ILE A 337 10.92 13.14 -17.79
C ILE A 337 10.57 11.80 -18.43
N GLN A 338 10.16 11.85 -19.69
CA GLN A 338 9.78 10.64 -20.41
C GLN A 338 10.90 10.14 -21.31
N LYS A 339 11.33 8.91 -21.07
CA LYS A 339 12.32 8.25 -21.92
C LYS A 339 11.80 6.87 -22.24
N ALA A 340 11.06 6.77 -23.35
CA ALA A 340 10.24 5.60 -23.65
C ALA A 340 11.03 4.30 -23.64
N PRO A 341 10.42 3.22 -23.12
CA PRO A 341 9.08 3.20 -22.52
C PRO A 341 9.07 3.49 -21.03
N HIS A 342 10.14 4.09 -20.52
CA HIS A 342 10.30 4.26 -19.08
C HIS A 342 9.99 5.69 -18.62
N LEU A 343 9.70 5.82 -17.32
CA LEU A 343 9.43 7.12 -16.71
C LEU A 343 10.48 7.49 -15.68
N PHE A 344 10.98 8.71 -15.74
CA PHE A 344 11.95 9.20 -14.76
C PHE A 344 11.42 10.42 -14.04
N ILE A 345 11.49 10.42 -12.71
CA ILE A 345 11.05 11.58 -11.95
C ILE A 345 12.25 12.30 -11.34
N ASP A 346 12.53 13.49 -11.85
CA ASP A 346 13.64 14.30 -11.35
C ASP A 346 13.23 15.08 -10.11
N ASP A 347 13.65 14.59 -8.96
CA ASP A 347 13.38 15.25 -7.69
C ASP A 347 14.68 15.39 -6.92
N THR A 348 15.74 15.78 -7.64
CA THR A 348 17.10 15.72 -7.12
C THR A 348 17.66 17.04 -6.62
N TYR A 349 16.82 18.06 -6.49
CA TYR A 349 17.31 19.36 -6.04
C TYR A 349 17.77 19.32 -4.58
N ASN A 350 16.85 18.99 -3.68
CA ASN A 350 17.20 18.81 -2.28
C ASN A 350 16.39 17.67 -1.66
N ALA A 351 16.55 17.45 -0.37
CA ALA A 351 15.84 16.35 0.29
C ALA A 351 15.79 16.50 1.82
N ASN A 352 14.66 16.08 2.38
CA ASN A 352 14.49 15.95 3.82
C ASN A 352 13.52 14.79 4.05
N PRO A 353 13.50 14.20 5.26
CA PRO A 353 12.66 13.03 5.55
C PRO A 353 11.21 13.17 5.09
N THR A 354 10.64 14.34 5.32
CA THR A 354 9.25 14.60 4.98
C THR A 354 9.05 14.60 3.48
N SER A 355 9.90 15.32 2.77
CA SER A 355 9.79 15.41 1.31
C SER A 355 10.12 14.08 0.66
N MET A 356 10.96 13.28 1.30
CA MET A 356 11.26 11.93 0.82
C MET A 356 10.00 11.05 0.92
N ARG A 357 9.33 11.12 2.06
CA ARG A 357 8.09 10.36 2.23
C ARG A 357 7.02 10.82 1.24
N ALA A 358 6.96 12.13 0.99
CA ALA A 358 6.01 12.67 0.00
C ALA A 358 6.32 12.16 -1.40
N ALA A 359 7.60 12.17 -1.75
CA ALA A 359 8.05 11.67 -3.05
C ALA A 359 7.68 10.20 -3.22
N ALA A 360 7.79 9.44 -2.14
CA ALA A 360 7.39 8.04 -2.16
C ALA A 360 5.91 7.90 -2.51
N GLN A 361 5.09 8.78 -1.93
CA GLN A 361 3.65 8.79 -2.23
C GLN A 361 3.39 9.11 -3.70
N VAL A 362 4.11 10.09 -4.22
CA VAL A 362 3.98 10.45 -5.63
C VAL A 362 4.34 9.27 -6.54
N LEU A 363 5.42 8.56 -6.19
CA LEU A 363 5.86 7.40 -6.97
C LEU A 363 4.83 6.27 -6.96
N LEU A 364 4.09 6.13 -5.86
CA LEU A 364 3.06 5.11 -5.75
C LEU A 364 1.92 5.32 -6.72
N GLN A 365 1.80 6.56 -7.23
CA GLN A 365 0.74 6.91 -8.16
C GLN A 365 1.03 6.49 -9.60
N GLN A 366 2.23 5.95 -9.83
CA GLN A 366 2.68 5.67 -11.20
C GLN A 366 2.33 4.27 -11.68
N ASN A 367 2.65 3.99 -12.95
CA ASN A 367 2.41 2.68 -13.54
C ASN A 367 3.71 1.95 -13.83
N GLY A 368 3.64 0.62 -13.82
CA GLY A 368 4.82 -0.20 -14.06
C GLY A 368 5.59 -0.47 -12.78
N ILE A 369 6.78 -1.03 -12.93
CA ILE A 369 7.61 -1.37 -11.79
C ILE A 369 8.16 -0.11 -11.11
N LYS A 370 7.67 0.15 -9.91
CA LYS A 370 8.04 1.36 -9.17
C LYS A 370 9.35 1.18 -8.41
N VAL A 371 10.32 2.04 -8.69
CA VAL A 371 11.60 1.99 -8.00
C VAL A 371 12.07 3.38 -7.59
N MET A 372 12.40 3.52 -6.30
CA MET A 372 12.92 4.80 -5.81
C MET A 372 14.41 4.75 -5.57
N VAL A 373 15.14 5.68 -6.17
CA VAL A 373 16.57 5.80 -5.96
C VAL A 373 16.86 7.04 -5.11
N MET A 374 17.19 6.82 -3.85
CA MET A 374 17.43 7.91 -2.91
C MET A 374 18.89 7.97 -2.47
N GLY A 375 19.35 9.19 -2.20
CA GLY A 375 20.69 9.40 -1.69
C GLY A 375 20.63 9.81 -0.23
N ASP A 376 21.77 10.24 0.32
CA ASP A 376 21.81 10.69 1.70
C ASP A 376 20.98 11.96 1.90
N ILE A 377 20.68 12.28 3.15
CA ILE A 377 19.97 13.51 3.48
C ILE A 377 20.80 14.34 4.45
N GLY A 378 21.11 15.56 4.06
CA GLY A 378 21.98 16.43 4.83
C GLY A 378 21.27 17.33 5.82
N GLU A 379 22.06 18.19 6.48
CA GLU A 379 21.58 19.18 7.43
C GLU A 379 20.85 18.57 8.62
N LEU A 380 20.99 17.25 8.78
CA LEU A 380 20.43 16.56 9.93
C LEU A 380 21.48 16.49 11.03
N GLY A 381 21.04 16.56 12.28
CA GLY A 381 21.95 16.51 13.40
C GLY A 381 22.34 15.10 13.78
N ASP A 382 22.39 14.84 15.08
CA ASP A 382 22.75 13.54 15.62
C ASP A 382 21.69 12.50 15.25
N SER A 383 20.52 12.99 14.85
CA SER A 383 19.40 12.13 14.50
C SER A 383 19.57 11.47 13.14
N SER A 384 20.57 11.92 12.38
CA SER A 384 20.81 11.50 11.00
C SER A 384 20.61 10.01 10.78
N TRP A 385 21.49 9.20 11.38
CA TRP A 385 21.41 7.75 11.25
C TRP A 385 20.00 7.26 11.52
N GLN A 386 19.46 7.68 12.66
CA GLN A 386 18.14 7.25 13.09
C GLN A 386 17.11 7.61 12.03
N GLU A 387 17.21 8.84 11.54
CA GLU A 387 16.29 9.31 10.51
C GLU A 387 16.28 8.32 9.36
N HIS A 388 17.47 8.03 8.83
CA HIS A 388 17.56 7.16 7.67
C HIS A 388 16.97 5.80 8.00
N HIS A 389 17.22 5.35 9.22
CA HIS A 389 16.72 4.07 9.69
C HIS A 389 15.20 4.10 9.55
N ASP A 390 14.59 5.11 10.17
CA ASP A 390 13.14 5.20 10.18
C ASP A 390 12.64 5.34 8.75
N LEU A 391 13.42 6.03 7.92
CA LEU A 391 13.03 6.22 6.54
C LEU A 391 12.94 4.86 5.88
N GLY A 392 13.99 4.06 6.06
CA GLY A 392 14.04 2.73 5.50
C GLY A 392 12.91 1.87 6.02
N ARG A 393 12.41 2.20 7.20
CA ARG A 393 11.33 1.43 7.79
C ARG A 393 10.00 1.76 7.14
N ASP A 394 9.82 3.02 6.75
CA ASP A 394 8.52 3.46 6.23
C ASP A 394 8.41 3.28 4.73
N LEU A 395 9.56 3.30 4.04
CA LEU A 395 9.58 3.12 2.59
C LEU A 395 9.41 1.66 2.20
N ALA A 396 9.91 0.76 3.03
CA ALA A 396 9.84 -0.67 2.72
C ALA A 396 8.45 -1.25 2.97
N GLU A 397 7.69 -0.60 3.85
CA GLU A 397 6.33 -1.04 4.16
C GLU A 397 5.38 -0.71 3.00
N LEU A 398 5.75 0.30 2.23
CA LEU A 398 4.95 0.75 1.09
C LEU A 398 4.99 -0.25 -0.06
N PRO A 399 3.96 -0.23 -0.92
CA PRO A 399 3.93 -1.10 -2.11
C PRO A 399 4.93 -0.68 -3.19
N LEU A 400 6.17 -0.43 -2.80
CA LEU A 400 7.22 -0.13 -3.75
C LEU A 400 7.92 -1.41 -4.17
N ASP A 401 8.19 -1.53 -5.47
CA ASP A 401 8.86 -2.72 -5.99
C ASP A 401 10.32 -2.76 -5.56
N HIS A 402 11.02 -1.64 -5.73
CA HIS A 402 12.44 -1.58 -5.39
C HIS A 402 12.85 -0.25 -4.76
N ILE A 403 13.74 -0.35 -3.79
CA ILE A 403 14.31 0.83 -3.13
C ILE A 403 15.83 0.74 -3.17
N VAL A 404 16.44 1.77 -3.71
CA VAL A 404 17.89 1.83 -3.85
C VAL A 404 18.45 3.00 -3.04
N ALA A 405 19.15 2.68 -1.96
CA ALA A 405 19.78 3.71 -1.15
C ALA A 405 21.25 3.86 -1.52
N VAL A 406 21.69 5.10 -1.72
CA VAL A 406 23.07 5.37 -2.11
C VAL A 406 23.69 6.41 -1.18
N GLY A 407 24.79 6.04 -0.53
CA GLY A 407 25.47 6.95 0.36
C GLY A 407 25.89 6.34 1.69
N GLN A 408 26.48 7.16 2.54
CA GLN A 408 26.98 6.73 3.85
C GLN A 408 25.94 6.00 4.70
N PHE A 409 24.75 6.59 4.80
CA PHE A 409 23.72 6.07 5.69
C PHE A 409 22.78 5.07 5.00
N ALA A 410 23.19 4.57 3.84
CA ALA A 410 22.40 3.57 3.14
C ALA A 410 22.27 2.31 3.98
N SER A 411 23.38 1.88 4.58
CA SER A 411 23.40 0.71 5.45
C SER A 411 22.35 0.82 6.54
N ALA A 412 22.28 1.99 7.17
CA ALA A 412 21.31 2.24 8.22
C ALA A 412 19.90 1.98 7.70
N ALA A 413 19.62 2.47 6.49
CA ALA A 413 18.31 2.31 5.89
C ALA A 413 17.99 0.83 5.73
N LEU A 414 19.00 0.06 5.37
CA LEU A 414 18.83 -1.38 5.21
C LEU A 414 18.33 -1.99 6.52
N GLU A 415 18.96 -1.62 7.63
CA GLU A 415 18.54 -2.15 8.93
C GLU A 415 17.09 -1.76 9.18
N GLY A 416 16.76 -0.54 8.77
CA GLY A 416 15.44 0.00 9.04
C GLY A 416 14.39 -0.79 8.29
N ALA A 417 14.81 -1.41 7.19
CA ALA A 417 13.88 -2.20 6.40
C ALA A 417 13.38 -3.40 7.20
N GLY A 418 14.27 -3.97 8.01
CA GLY A 418 13.94 -5.15 8.80
C GLY A 418 13.30 -6.28 7.99
N LEU A 419 12.04 -6.56 8.29
CA LEU A 419 11.30 -7.65 7.65
C LEU A 419 11.28 -7.55 6.13
N HIS A 420 11.12 -6.33 5.62
CA HIS A 420 11.12 -6.09 4.18
C HIS A 420 12.52 -5.75 3.68
N SER A 421 13.52 -6.43 4.24
CA SER A 421 14.92 -6.19 3.86
C SER A 421 15.20 -6.37 2.37
N THR A 422 14.57 -7.37 1.75
CA THR A 422 14.91 -7.79 0.39
C THR A 422 14.56 -6.78 -0.70
N LYS A 423 13.64 -5.86 -0.43
CA LYS A 423 13.24 -4.90 -1.46
C LYS A 423 14.06 -3.61 -1.41
N LEU A 424 15.03 -3.55 -0.50
CA LEU A 424 15.85 -2.36 -0.35
C LEU A 424 17.33 -2.70 -0.56
N LYS A 425 17.91 -2.13 -1.60
CA LYS A 425 19.32 -2.40 -1.91
C LYS A 425 20.17 -1.21 -1.48
N ALA A 426 21.25 -1.48 -0.75
CA ALA A 426 22.11 -0.42 -0.24
C ALA A 426 23.44 -0.36 -0.99
N PHE A 427 23.85 0.85 -1.33
CA PHE A 427 25.13 1.08 -2.02
C PHE A 427 25.91 2.18 -1.33
N GLN A 428 27.23 2.11 -1.41
CA GLN A 428 28.09 3.09 -0.76
C GLN A 428 28.45 4.23 -1.71
N THR A 429 28.20 4.02 -3.00
CA THR A 429 28.55 5.00 -4.02
C THR A 429 27.67 4.86 -5.26
N GLN A 430 27.57 5.94 -6.04
CA GLN A 430 26.79 5.95 -7.27
C GLN A 430 27.37 4.99 -8.31
N ALA A 431 28.70 4.97 -8.42
CA ALA A 431 29.40 4.12 -9.37
C ALA A 431 29.03 2.64 -9.21
N GLU A 432 28.84 2.21 -7.96
CA GLU A 432 28.47 0.83 -7.69
C GLU A 432 26.98 0.59 -7.97
N ALA A 433 26.17 1.64 -7.82
CA ALA A 433 24.72 1.52 -7.97
C ALA A 433 24.29 1.50 -9.43
N LEU A 434 24.99 2.24 -10.29
CA LEU A 434 24.66 2.34 -11.70
C LEU A 434 24.46 0.99 -12.42
N PRO A 435 25.44 0.05 -12.31
CA PRO A 435 25.25 -1.23 -13.01
C PRO A 435 24.03 -1.99 -12.51
N PHE A 436 23.72 -1.85 -11.23
CA PHE A 436 22.55 -2.52 -10.66
C PHE A 436 21.27 -2.03 -11.29
N LEU A 437 21.18 -0.72 -11.53
CA LEU A 437 20.02 -0.14 -12.19
C LEU A 437 19.94 -0.57 -13.65
N ILE A 438 21.09 -0.51 -14.34
CA ILE A 438 21.17 -0.94 -15.73
C ILE A 438 20.64 -2.35 -15.90
N ASN A 439 21.12 -3.26 -15.06
CA ASN A 439 20.67 -4.65 -15.12
C ASN A 439 19.25 -4.81 -14.61
N LEU A 440 18.85 -3.91 -13.73
CA LEU A 440 17.50 -3.91 -13.14
C LEU A 440 16.48 -3.71 -14.24
N ILE A 441 16.77 -2.82 -15.19
CA ILE A 441 15.88 -2.59 -16.31
C ILE A 441 15.66 -3.88 -17.11
N GLN A 442 16.76 -4.55 -17.46
CA GLN A 442 16.73 -5.78 -18.26
C GLN A 442 16.07 -6.96 -17.54
N THR A 443 16.28 -7.05 -16.24
CA THR A 443 15.76 -8.15 -15.42
C THR A 443 14.23 -8.27 -15.47
N HIS A 444 13.55 -7.13 -15.56
CA HIS A 444 12.09 -7.13 -15.57
C HIS A 444 11.50 -7.21 -16.98
N GLN A 445 12.36 -7.41 -17.98
CA GLN A 445 11.92 -7.63 -19.36
C GLN A 445 11.11 -6.45 -19.92
N PRO A 446 10.56 -6.54 -21.15
CA PRO A 446 9.89 -5.34 -21.64
C PRO A 446 8.64 -4.99 -20.83
N GLN A 447 8.85 -4.09 -19.88
CA GLN A 447 7.81 -3.67 -18.96
C GLN A 447 8.20 -2.27 -18.50
N SER A 448 7.27 -1.32 -18.53
CA SER A 448 7.61 0.05 -18.20
C SER A 448 8.04 0.17 -16.74
N MET A 449 9.05 1.00 -16.50
CA MET A 449 9.56 1.23 -15.16
C MET A 449 9.39 2.68 -14.74
N SER A 450 9.21 2.90 -13.44
CA SER A 450 9.12 4.27 -12.92
C SER A 450 10.22 4.52 -11.89
N PHE A 451 11.23 5.26 -12.31
CA PHE A 451 12.35 5.60 -11.42
C PHE A 451 12.12 6.97 -10.80
N LEU A 452 12.31 7.07 -9.49
CA LEU A 452 12.27 8.39 -8.86
C LEU A 452 13.59 8.66 -8.15
N PHE A 453 14.35 9.61 -8.68
CA PHE A 453 15.63 9.98 -8.08
C PHE A 453 15.47 11.14 -7.11
N LYS A 454 16.08 11.02 -5.93
CA LYS A 454 16.00 12.07 -4.93
C LYS A 454 17.19 12.02 -3.98
N GLY A 455 17.60 13.19 -3.48
CA GLY A 455 18.70 13.28 -2.54
C GLY A 455 19.07 14.72 -2.26
N SER A 456 19.90 14.93 -1.25
CA SER A 456 20.33 16.27 -0.89
C SER A 456 21.22 16.88 -1.98
N ARG A 457 21.42 18.18 -1.89
CA ARG A 457 22.17 18.94 -2.88
C ARG A 457 23.57 18.38 -3.14
N PHE A 458 24.29 18.08 -2.07
CA PHE A 458 25.69 17.63 -2.20
C PHE A 458 25.82 16.22 -2.79
N THR A 459 24.72 15.48 -2.82
CA THR A 459 24.75 14.11 -3.33
C THR A 459 24.63 14.07 -4.85
N HIS A 460 24.17 15.19 -5.42
CA HIS A 460 23.94 15.34 -6.86
C HIS A 460 23.47 14.06 -7.58
N MET A 461 22.31 13.55 -7.19
CA MET A 461 21.77 12.31 -7.75
C MET A 461 21.39 12.44 -9.23
N GLU A 462 21.31 13.67 -9.72
CA GLU A 462 20.98 13.91 -11.12
C GLU A 462 22.10 13.42 -12.04
N THR A 463 23.31 13.31 -11.49
CA THR A 463 24.42 12.72 -12.21
C THR A 463 24.14 11.25 -12.48
N LEU A 464 23.67 10.55 -11.45
CA LEU A 464 23.35 9.13 -11.57
C LEU A 464 22.14 8.94 -12.48
N MET A 465 21.18 9.85 -12.38
CA MET A 465 19.99 9.76 -13.23
C MET A 465 20.38 9.96 -14.69
N ALA A 466 21.33 10.86 -14.93
CA ALA A 466 21.83 11.13 -16.28
C ALA A 466 22.56 9.91 -16.83
N ASP A 467 23.51 9.39 -16.05
CA ASP A 467 24.29 8.22 -16.47
C ASP A 467 23.41 6.99 -16.65
N LEU A 468 22.26 6.97 -16.00
CA LEU A 468 21.30 5.88 -16.21
C LEU A 468 20.47 6.10 -17.48
N MET A 469 20.09 7.35 -17.73
CA MET A 469 19.32 7.67 -18.93
C MET A 469 20.13 7.52 -20.21
N GLU A 470 21.45 7.70 -20.12
CA GLU A 470 22.32 7.53 -21.28
C GLU A 470 22.41 6.05 -21.68
N LYS A 471 22.91 5.23 -20.76
CA LYS A 471 23.06 3.80 -21.01
C LYS A 471 21.74 3.06 -20.76
N VAL B 15 -5.83 -8.63 2.23
CA VAL B 15 -4.45 -9.05 2.03
C VAL B 15 -3.79 -8.27 0.91
N PRO B 16 -2.48 -7.99 1.04
CA PRO B 16 -1.73 -7.25 0.02
C PRO B 16 -1.76 -7.94 -1.34
N LEU B 17 -2.22 -7.23 -2.37
CA LEU B 17 -2.35 -7.80 -3.70
C LEU B 17 -1.39 -7.16 -4.69
N GLU B 18 -1.08 -7.87 -5.77
CA GLU B 18 -0.25 -7.32 -6.82
C GLU B 18 -1.14 -6.71 -7.90
N PRO B 19 -0.87 -5.45 -8.28
CA PRO B 19 -1.73 -4.68 -9.18
C PRO B 19 -1.81 -5.27 -10.58
N TRP B 20 -2.89 -4.95 -11.28
CA TRP B 20 -3.07 -5.34 -12.68
C TRP B 20 -2.95 -4.13 -13.59
N THR B 21 -2.55 -4.36 -14.83
CA THR B 21 -2.57 -3.29 -15.83
C THR B 21 -3.68 -3.59 -16.83
N ALA B 22 -4.18 -2.57 -17.50
CA ALA B 22 -5.25 -2.74 -18.49
C ALA B 22 -4.83 -3.74 -19.56
N GLN B 23 -3.57 -3.65 -19.99
CA GLN B 23 -3.04 -4.55 -20.99
C GLN B 23 -3.10 -6.00 -20.52
N GLN B 24 -2.71 -6.24 -19.27
CA GLN B 24 -2.75 -7.57 -18.68
C GLN B 24 -4.16 -8.15 -18.60
N LEU B 25 -5.12 -7.32 -18.16
CA LEU B 25 -6.52 -7.73 -18.08
C LEU B 25 -7.05 -8.13 -19.45
N GLN B 26 -6.86 -7.24 -20.42
CA GLN B 26 -7.32 -7.47 -21.78
C GLN B 26 -6.68 -8.72 -22.36
N GLN B 27 -5.38 -8.87 -22.13
CA GLN B 27 -4.60 -9.99 -22.62
C GLN B 27 -5.13 -11.31 -22.06
N ALA B 28 -5.40 -11.32 -20.76
CA ALA B 28 -5.90 -12.50 -20.08
C ALA B 28 -7.29 -12.89 -20.56
N THR B 29 -8.17 -11.91 -20.69
CA THR B 29 -9.56 -12.21 -21.05
C THR B 29 -9.85 -12.20 -22.55
N GLN B 30 -8.94 -11.62 -23.32
CA GLN B 30 -9.10 -11.47 -24.77
C GLN B 30 -10.38 -10.71 -25.12
N GLY B 31 -10.77 -9.78 -24.24
CA GLY B 31 -11.92 -8.93 -24.48
C GLY B 31 -11.49 -7.62 -25.13
N TYR B 32 -12.43 -6.69 -25.27
CA TYR B 32 -12.13 -5.40 -25.87
C TYR B 32 -12.61 -4.25 -25.00
N TRP B 33 -11.95 -3.11 -25.10
CA TRP B 33 -12.36 -1.93 -24.35
C TRP B 33 -13.45 -1.16 -25.08
N HIS B 34 -14.59 -0.99 -24.43
CA HIS B 34 -15.72 -0.27 -25.00
C HIS B 34 -15.35 1.17 -25.32
N LYS B 35 -15.63 1.59 -26.55
CA LYS B 35 -15.31 2.94 -27.02
C LYS B 35 -13.82 3.26 -26.93
N ASP B 36 -13.02 2.20 -26.87
CA ASP B 36 -11.55 2.30 -26.81
C ASP B 36 -11.02 3.11 -25.63
N GLN B 37 -11.87 3.39 -24.65
CA GLN B 37 -11.42 4.06 -23.42
C GLN B 37 -10.64 3.08 -22.56
N ILE B 38 -9.33 3.29 -22.47
CA ILE B 38 -8.46 2.41 -21.70
C ILE B 38 -7.92 3.11 -20.45
N PRO B 39 -8.11 2.48 -19.28
CA PRO B 39 -7.64 2.98 -17.99
C PRO B 39 -6.15 3.32 -18.00
N GLN B 40 -5.80 4.51 -17.54
CA GLN B 40 -4.41 4.97 -17.56
C GLN B 40 -3.69 4.66 -16.25
N THR B 41 -4.43 4.17 -15.26
CA THR B 41 -3.85 3.79 -13.97
C THR B 41 -3.89 2.28 -13.77
N GLU B 42 -3.11 1.78 -12.82
CA GLU B 42 -3.10 0.36 -12.51
C GLU B 42 -4.26 -0.06 -11.60
N ILE B 43 -4.85 -1.22 -11.91
CA ILE B 43 -5.93 -1.79 -11.12
C ILE B 43 -5.36 -2.52 -9.90
N LYS B 44 -5.67 -2.01 -8.71
CA LYS B 44 -5.11 -2.59 -7.48
C LYS B 44 -5.81 -3.88 -7.05
N ARG B 45 -7.04 -4.08 -7.51
CA ARG B 45 -7.82 -5.23 -7.05
C ARG B 45 -9.01 -5.53 -7.96
N ILE B 46 -9.29 -6.81 -8.12
CA ILE B 46 -10.46 -7.27 -8.87
C ILE B 46 -11.45 -7.90 -7.90
N LEU B 47 -12.64 -7.31 -7.80
CA LEU B 47 -13.66 -7.82 -6.88
C LEU B 47 -15.02 -7.97 -7.54
N THR B 48 -15.94 -8.62 -6.85
CA THR B 48 -17.25 -8.92 -7.40
C THR B 48 -18.39 -8.40 -6.52
N ASP B 49 -18.05 -7.73 -5.43
CA ASP B 49 -19.05 -7.16 -4.54
C ASP B 49 -19.14 -5.65 -4.75
N SER B 50 -20.31 -5.18 -5.18
CA SER B 50 -20.51 -3.78 -5.52
C SER B 50 -20.43 -2.86 -4.30
N ARG B 51 -20.62 -3.44 -3.12
CA ARG B 51 -20.62 -2.67 -1.88
C ARG B 51 -19.21 -2.22 -1.49
N HIS B 52 -18.20 -2.99 -1.89
CA HIS B 52 -16.83 -2.73 -1.48
C HIS B 52 -15.97 -2.13 -2.59
N ALA B 53 -16.53 -2.07 -3.79
CA ALA B 53 -15.80 -1.52 -4.94
C ALA B 53 -15.50 -0.04 -4.75
N GLU B 54 -14.21 0.27 -4.57
CA GLU B 54 -13.78 1.65 -4.40
C GLU B 54 -12.89 2.10 -5.55
N SER B 55 -12.34 3.30 -5.44
CA SER B 55 -11.45 3.84 -6.48
C SER B 55 -10.14 3.08 -6.55
N GLY B 56 -9.82 2.59 -7.75
CA GLY B 56 -8.61 1.83 -7.96
C GLY B 56 -8.88 0.38 -8.29
N ASP B 57 -10.11 -0.05 -8.05
CA ASP B 57 -10.51 -1.44 -8.28
C ASP B 57 -11.11 -1.64 -9.68
N ALA B 58 -11.33 -2.91 -10.02
CA ALA B 58 -12.05 -3.27 -11.23
C ALA B 58 -13.20 -4.20 -10.86
N PHE B 59 -14.42 -3.78 -11.15
CA PHE B 59 -15.60 -4.54 -10.77
C PHE B 59 -15.91 -5.61 -11.80
N LEU B 60 -15.99 -6.86 -11.37
CA LEU B 60 -16.29 -7.96 -12.28
C LEU B 60 -17.75 -8.40 -12.13
N ALA B 61 -18.57 -8.04 -13.11
CA ALA B 61 -20.00 -8.29 -13.03
C ALA B 61 -20.36 -9.74 -13.36
N LEU B 62 -20.80 -10.48 -12.34
CA LEU B 62 -21.17 -11.87 -12.52
C LEU B 62 -22.67 -12.04 -12.63
N LYS B 63 -23.09 -12.98 -13.49
CA LYS B 63 -24.50 -13.31 -13.65
C LYS B 63 -24.78 -14.61 -12.91
N GLY B 64 -25.32 -14.50 -11.70
CA GLY B 64 -25.54 -15.66 -10.85
C GLY B 64 -26.93 -16.24 -10.90
N GLU B 65 -27.28 -17.01 -9.88
CA GLU B 65 -28.59 -17.65 -9.79
C GLU B 65 -29.61 -16.73 -9.13
N ARG B 66 -29.13 -15.91 -8.20
CA ARG B 66 -29.99 -14.96 -7.50
C ARG B 66 -29.68 -13.52 -7.91
N PHE B 67 -28.54 -13.33 -8.57
CA PHE B 67 -28.09 -11.99 -8.93
C PHE B 67 -27.80 -11.80 -10.42
N ASP B 68 -27.43 -10.56 -10.74
CA ASP B 68 -26.92 -10.18 -12.04
C ASP B 68 -26.21 -8.84 -11.83
N ALA B 69 -24.93 -8.92 -11.47
CA ALA B 69 -24.16 -7.77 -11.01
C ALA B 69 -24.13 -6.58 -11.97
N HIS B 70 -24.52 -6.80 -13.23
CA HIS B 70 -24.61 -5.71 -14.20
C HIS B 70 -25.60 -4.65 -13.74
N ASN B 71 -26.55 -5.05 -12.90
CA ASN B 71 -27.55 -4.14 -12.37
C ASN B 71 -27.02 -3.25 -11.25
N PHE B 72 -25.79 -3.49 -10.82
CA PHE B 72 -25.25 -2.78 -9.65
C PHE B 72 -24.07 -1.88 -10.01
N VAL B 73 -23.75 -1.80 -11.30
CA VAL B 73 -22.60 -1.03 -11.75
C VAL B 73 -22.69 0.44 -11.34
N ALA B 74 -23.89 1.01 -11.39
CA ALA B 74 -24.07 2.40 -11.00
C ALA B 74 -23.60 2.62 -9.56
N GLN B 75 -23.87 1.65 -8.70
CA GLN B 75 -23.44 1.72 -7.32
C GLN B 75 -21.91 1.82 -7.26
N VAL B 76 -21.23 0.97 -8.01
CA VAL B 76 -19.77 0.98 -7.99
C VAL B 76 -19.26 2.26 -8.64
N VAL B 77 -20.08 2.84 -9.53
CA VAL B 77 -19.72 4.11 -10.13
C VAL B 77 -19.80 5.20 -9.07
N ALA B 78 -20.83 5.10 -8.22
CA ALA B 78 -21.04 6.11 -7.18
C ALA B 78 -20.01 5.98 -6.06
N ASN B 79 -19.33 4.83 -6.01
CA ASN B 79 -18.37 4.58 -4.94
C ASN B 79 -16.92 4.81 -5.37
N GLY B 80 -16.72 5.27 -6.61
CA GLY B 80 -15.40 5.65 -7.06
C GLY B 80 -14.75 4.72 -8.06
N CYS B 81 -15.27 3.51 -8.19
CA CYS B 81 -14.73 2.52 -9.12
C CYS B 81 -14.86 3.01 -10.57
N GLN B 82 -13.75 2.95 -11.32
CA GLN B 82 -13.73 3.47 -12.69
C GLN B 82 -13.48 2.39 -13.75
N VAL B 83 -13.32 1.15 -13.32
CA VAL B 83 -13.09 0.04 -14.25
C VAL B 83 -14.09 -1.09 -14.00
N ALA B 84 -14.58 -1.70 -15.07
CA ALA B 84 -15.53 -2.80 -14.97
C ALA B 84 -15.33 -3.82 -16.09
N ILE B 85 -15.43 -5.09 -15.75
CA ILE B 85 -15.39 -6.17 -16.72
C ILE B 85 -16.79 -6.74 -16.91
N VAL B 86 -17.32 -6.64 -18.12
CA VAL B 86 -18.72 -6.97 -18.36
C VAL B 86 -18.91 -7.91 -19.56
N GLU B 87 -20.11 -8.48 -19.67
CA GLU B 87 -20.45 -9.36 -20.79
C GLU B 87 -21.14 -8.60 -21.92
N ARG B 88 -21.37 -7.31 -21.71
CA ARG B 88 -22.07 -6.48 -22.67
C ARG B 88 -21.92 -5.02 -22.28
N PRO B 89 -21.89 -4.11 -23.27
CA PRO B 89 -21.73 -2.69 -22.99
C PRO B 89 -22.86 -2.15 -22.11
N ILE B 90 -22.49 -1.37 -21.10
CA ILE B 90 -23.44 -0.81 -20.15
C ILE B 90 -23.45 0.72 -20.28
N ASP B 91 -24.58 1.36 -19.98
CA ASP B 91 -24.74 2.79 -20.23
C ASP B 91 -24.12 3.67 -19.16
N ALA B 92 -23.35 3.07 -18.24
CA ALA B 92 -22.73 3.82 -17.16
C ALA B 92 -21.40 4.41 -17.61
N GLU B 93 -21.07 5.58 -17.10
CA GLU B 93 -19.81 6.22 -17.46
C GLU B 93 -18.67 5.55 -16.70
N ILE B 94 -18.16 4.48 -17.29
CA ILE B 94 -17.12 3.68 -16.68
C ILE B 94 -16.41 2.87 -17.76
N ALA B 95 -15.08 2.72 -17.64
CA ALA B 95 -14.33 1.91 -18.58
C ALA B 95 -14.80 0.46 -18.51
N GLN B 96 -15.09 -0.14 -19.66
CA GLN B 96 -15.68 -1.46 -19.70
C GLN B 96 -14.92 -2.42 -20.61
N LEU B 97 -14.34 -3.46 -20.00
CA LEU B 97 -13.71 -4.53 -20.74
C LEU B 97 -14.78 -5.57 -21.06
N VAL B 98 -15.16 -5.65 -22.32
CA VAL B 98 -16.27 -6.51 -22.71
C VAL B 98 -15.80 -7.91 -23.09
N VAL B 99 -16.31 -8.91 -22.37
CA VAL B 99 -15.94 -10.30 -22.60
C VAL B 99 -17.16 -11.13 -22.98
N ALA B 100 -16.91 -12.37 -23.40
CA ALA B 100 -17.98 -13.29 -23.76
C ALA B 100 -18.77 -13.75 -22.53
N ASP B 101 -18.04 -14.10 -21.47
CA ASP B 101 -18.64 -14.61 -20.24
C ASP B 101 -17.75 -14.33 -19.05
N THR B 102 -18.26 -13.51 -18.12
CA THR B 102 -17.46 -13.04 -16.99
C THR B 102 -16.94 -14.13 -16.04
N ARG B 103 -17.70 -15.21 -15.88
CA ARG B 103 -17.24 -16.34 -15.06
C ARG B 103 -15.95 -16.92 -15.63
N LEU B 104 -16.01 -17.17 -16.94
CA LEU B 104 -14.88 -17.70 -17.67
C LEU B 104 -13.74 -16.70 -17.66
N ALA B 105 -14.08 -15.41 -17.69
CA ALA B 105 -13.07 -14.36 -17.65
C ALA B 105 -12.34 -14.36 -16.31
N LEU B 106 -13.09 -14.63 -15.25
CA LEU B 106 -12.52 -14.73 -13.91
C LEU B 106 -11.56 -15.90 -13.86
N GLY B 107 -11.97 -17.01 -14.45
CA GLY B 107 -11.11 -18.19 -14.52
C GLY B 107 -9.83 -17.90 -15.32
N GLN B 108 -9.97 -17.12 -16.38
CA GLN B 108 -8.83 -16.75 -17.22
C GLN B 108 -7.87 -15.82 -16.49
N LEU B 109 -8.41 -14.92 -15.67
CA LEU B 109 -7.58 -14.02 -14.89
C LEU B 109 -6.77 -14.81 -13.87
N GLY B 110 -7.45 -15.70 -13.16
CA GLY B 110 -6.79 -16.55 -12.19
C GLY B 110 -5.71 -17.42 -12.82
N ALA B 111 -6.03 -17.98 -13.98
CA ALA B 111 -5.10 -18.82 -14.71
C ALA B 111 -3.87 -18.03 -15.16
N TYR B 112 -4.10 -16.82 -15.64
CA TYR B 112 -3.02 -15.95 -16.13
C TYR B 112 -2.06 -15.61 -14.99
N ARG B 113 -2.64 -15.21 -13.86
CA ARG B 113 -1.82 -14.84 -12.71
C ARG B 113 -1.06 -16.06 -12.18
N ARG B 114 -1.70 -17.23 -12.25
CA ARG B 114 -1.05 -18.47 -11.85
C ARG B 114 0.14 -18.76 -12.78
N GLU B 115 -0.03 -18.47 -14.05
CA GLU B 115 1.03 -18.67 -15.04
C GLU B 115 2.22 -17.74 -14.78
N GLN B 116 1.93 -16.50 -14.37
CA GLN B 116 2.99 -15.53 -14.16
C GLN B 116 3.87 -15.86 -12.95
N ASN B 117 3.36 -16.71 -12.06
CA ASN B 117 4.08 -17.11 -10.86
C ASN B 117 4.75 -18.47 -10.99
N ALA B 118 5.82 -18.53 -11.77
CA ALA B 118 6.49 -19.78 -12.08
C ALA B 118 7.38 -20.28 -10.93
N GLN B 119 7.47 -19.51 -9.84
CA GLN B 119 8.32 -19.88 -8.72
C GLN B 119 7.57 -20.72 -7.69
N LEU B 120 6.41 -21.24 -8.07
CA LEU B 120 5.51 -21.92 -7.14
C LEU B 120 5.56 -23.44 -7.25
N LYS B 121 5.35 -24.11 -6.11
CA LYS B 121 5.07 -25.53 -6.09
C LYS B 121 3.63 -25.71 -5.61
N VAL B 122 2.77 -26.21 -6.49
CA VAL B 122 1.34 -26.17 -6.23
C VAL B 122 0.73 -27.53 -5.91
N ILE B 123 -0.07 -27.57 -4.85
CA ILE B 123 -0.83 -28.74 -4.46
C ILE B 123 -2.31 -28.52 -4.74
N ALA B 124 -2.94 -29.50 -5.39
CA ALA B 124 -4.38 -29.49 -5.58
C ALA B 124 -4.93 -30.79 -5.02
N LEU B 125 -5.90 -30.70 -4.12
CA LEU B 125 -6.46 -31.89 -3.50
C LEU B 125 -7.97 -31.85 -3.45
N THR B 126 -8.59 -33.02 -3.50
CA THR B 126 -10.04 -33.11 -3.45
C THR B 126 -10.45 -34.38 -2.70
N GLY B 127 -11.73 -34.49 -2.38
CA GLY B 127 -12.24 -35.62 -1.63
C GLY B 127 -13.61 -35.31 -1.05
N SER B 128 -14.38 -36.35 -0.75
CA SER B 128 -15.73 -36.17 -0.23
C SER B 128 -15.71 -35.42 1.09
N SER B 129 -14.79 -35.79 1.98
CA SER B 129 -14.65 -35.13 3.27
C SER B 129 -13.21 -35.16 3.74
N GLY B 130 -12.78 -34.09 4.41
CA GLY B 130 -11.43 -33.99 4.94
C GLY B 130 -10.53 -33.04 4.20
N LYS B 131 -11.08 -32.36 3.19
CA LYS B 131 -10.31 -31.45 2.35
C LYS B 131 -9.75 -30.26 3.14
N THR B 132 -10.60 -29.62 3.94
CA THR B 132 -10.21 -28.45 4.71
C THR B 132 -9.20 -28.78 5.80
N THR B 133 -9.39 -29.92 6.46
CA THR B 133 -8.49 -30.35 7.53
C THR B 133 -7.10 -30.64 6.98
N THR B 134 -7.05 -31.39 5.87
CA THR B 134 -5.79 -31.74 5.25
C THR B 134 -5.10 -30.50 4.69
N LYS B 135 -5.91 -29.58 4.17
CA LYS B 135 -5.39 -28.31 3.67
C LYS B 135 -4.76 -27.51 4.81
N GLU B 136 -5.36 -27.60 5.99
CA GLU B 136 -4.82 -26.94 7.18
C GLU B 136 -3.52 -27.60 7.65
N MET B 137 -3.48 -28.93 7.62
CA MET B 137 -2.26 -29.65 7.99
C MET B 137 -1.11 -29.28 7.06
N LEU B 138 -1.37 -29.36 5.76
CA LEU B 138 -0.37 -29.01 4.74
C LEU B 138 0.06 -27.55 4.85
N GLY B 139 -0.90 -26.68 5.10
CA GLY B 139 -0.62 -25.28 5.30
C GLY B 139 0.32 -25.11 6.48
N SER B 140 0.04 -25.82 7.55
CA SER B 140 0.85 -25.75 8.76
C SER B 140 2.27 -26.23 8.51
N ILE B 141 2.40 -27.30 7.72
CA ILE B 141 3.72 -27.84 7.39
C ILE B 141 4.52 -26.88 6.51
N LEU B 142 3.91 -26.38 5.46
CA LEU B 142 4.59 -25.56 4.47
C LEU B 142 4.88 -24.13 4.95
N SER B 143 3.98 -23.58 5.77
CA SER B 143 4.13 -22.20 6.25
C SER B 143 5.39 -21.99 7.11
N ARG B 144 5.90 -23.08 7.66
CA ARG B 144 7.10 -23.01 8.49
C ARG B 144 8.38 -22.94 7.65
N LEU B 145 8.24 -23.19 6.35
CA LEU B 145 9.39 -23.25 5.46
C LEU B 145 9.49 -22.01 4.57
N ALA B 146 8.34 -21.55 4.08
CA ALA B 146 8.29 -20.44 3.15
C ALA B 146 6.88 -19.85 3.13
N PRO B 147 6.73 -18.61 2.64
CA PRO B 147 5.40 -18.02 2.50
C PRO B 147 4.48 -18.89 1.65
N THR B 148 3.33 -19.25 2.20
CA THR B 148 2.41 -20.16 1.55
C THR B 148 1.03 -19.55 1.38
N LEU B 149 0.40 -19.82 0.23
CA LEU B 149 -0.98 -19.40 0.02
C LEU B 149 -1.90 -20.61 0.04
N ILE B 150 -2.77 -20.68 1.05
CA ILE B 150 -3.73 -21.77 1.14
C ILE B 150 -5.15 -21.26 0.94
N THR B 151 -6.01 -22.14 0.43
CA THR B 151 -7.40 -21.81 0.18
C THR B 151 -8.08 -21.23 1.42
N ARG B 152 -8.75 -20.11 1.25
CA ARG B 152 -9.40 -19.43 2.37
C ARG B 152 -10.91 -19.70 2.38
N GLY B 153 -11.39 -20.25 3.48
CA GLY B 153 -12.81 -20.51 3.65
C GLY B 153 -13.39 -21.53 2.69
N ASN B 154 -14.52 -21.17 2.09
CA ASN B 154 -15.28 -22.08 1.23
C ASN B 154 -15.00 -21.86 -0.25
N LEU B 155 -14.02 -21.01 -0.55
CA LEU B 155 -13.70 -20.66 -1.94
C LEU B 155 -12.96 -21.79 -2.66
N ASN B 156 -13.68 -22.88 -2.94
CA ASN B 156 -13.08 -24.06 -3.53
C ASN B 156 -13.81 -24.53 -4.80
N ASN B 157 -14.66 -23.67 -5.35
CA ASN B 157 -15.43 -24.02 -6.53
C ASN B 157 -14.90 -23.30 -7.78
N ASP B 158 -15.71 -23.27 -8.83
CA ASP B 158 -15.30 -22.68 -10.10
C ASP B 158 -15.07 -21.19 -10.01
N LEU B 159 -15.68 -20.55 -9.01
CA LEU B 159 -15.49 -19.12 -8.79
C LEU B 159 -14.45 -18.85 -7.73
N GLY B 160 -14.39 -19.73 -6.72
CA GLY B 160 -13.52 -19.51 -5.59
C GLY B 160 -12.04 -19.70 -5.89
N VAL B 161 -11.72 -20.73 -6.68
CA VAL B 161 -10.33 -21.02 -7.01
C VAL B 161 -9.61 -19.88 -7.75
N PRO B 162 -10.22 -19.32 -8.82
CA PRO B 162 -9.50 -18.19 -9.43
C PRO B 162 -9.45 -16.97 -8.50
N MET B 163 -10.47 -16.78 -7.68
CA MET B 163 -10.47 -15.69 -6.69
C MET B 163 -9.30 -15.82 -5.73
N MET B 164 -8.99 -17.06 -5.35
CA MET B 164 -7.86 -17.32 -4.47
C MET B 164 -6.54 -17.19 -5.22
N LEU B 165 -6.55 -17.52 -6.50
CA LEU B 165 -5.35 -17.36 -7.32
C LEU B 165 -4.99 -15.90 -7.51
N LEU B 166 -6.01 -15.03 -7.48
CA LEU B 166 -5.78 -13.59 -7.61
C LEU B 166 -4.97 -13.00 -6.46
N GLU B 167 -4.77 -13.77 -5.39
CA GLU B 167 -4.04 -13.29 -4.23
C GLU B 167 -2.58 -13.71 -4.26
N LEU B 168 -2.17 -14.35 -5.35
CA LEU B 168 -0.81 -14.83 -5.50
C LEU B 168 0.20 -13.70 -5.57
N ARG B 169 1.35 -13.89 -4.93
CA ARG B 169 2.42 -12.91 -4.94
C ARG B 169 3.76 -13.56 -5.24
N LYS B 170 4.74 -12.74 -5.60
CA LYS B 170 6.07 -13.22 -5.94
C LYS B 170 6.77 -13.90 -4.74
N GLU B 171 6.33 -13.54 -3.54
CA GLU B 171 6.93 -14.08 -2.33
C GLU B 171 6.47 -15.51 -2.05
N HIS B 172 5.29 -15.86 -2.57
CA HIS B 172 4.72 -17.19 -2.35
C HIS B 172 5.55 -18.26 -3.03
N GLN B 173 5.91 -19.28 -2.26
CA GLN B 173 6.70 -20.40 -2.77
C GLN B 173 5.83 -21.65 -2.93
N TYR B 174 4.86 -21.79 -2.05
CA TYR B 174 3.94 -22.92 -2.09
C TYR B 174 2.49 -22.44 -2.18
N ALA B 175 1.63 -23.27 -2.78
CA ALA B 175 0.21 -22.98 -2.84
C ALA B 175 -0.62 -24.25 -2.67
N VAL B 176 -1.50 -24.25 -1.68
CA VAL B 176 -2.37 -25.40 -1.43
C VAL B 176 -3.81 -25.06 -1.81
N MET B 177 -4.27 -25.63 -2.92
CA MET B 177 -5.60 -25.32 -3.45
C MET B 177 -6.59 -26.44 -3.20
N GLU B 178 -7.62 -26.14 -2.41
CA GLU B 178 -8.69 -27.07 -2.13
C GLU B 178 -9.68 -27.04 -3.28
N LEU B 179 -9.95 -28.21 -3.85
CA LEU B 179 -10.83 -28.31 -5.02
C LEU B 179 -12.10 -29.10 -4.69
N GLY B 180 -13.24 -28.44 -4.75
CA GLY B 180 -14.49 -29.12 -4.47
C GLY B 180 -15.21 -29.56 -5.74
N ALA B 181 -15.81 -30.74 -5.68
CA ALA B 181 -16.64 -31.24 -6.78
C ALA B 181 -18.11 -31.02 -6.46
N ASN B 182 -18.72 -30.04 -7.11
CA ASN B 182 -20.13 -29.74 -6.88
C ASN B 182 -20.99 -30.20 -8.05
N HIS B 183 -20.32 -30.49 -9.17
CA HIS B 183 -20.97 -31.06 -10.35
C HIS B 183 -19.91 -31.65 -11.28
N GLN B 184 -20.35 -32.47 -12.23
CA GLN B 184 -19.43 -33.09 -13.18
C GLN B 184 -18.73 -32.03 -14.05
N GLY B 185 -17.41 -32.06 -14.09
CA GLY B 185 -16.66 -31.11 -14.90
C GLY B 185 -15.98 -30.03 -14.09
N GLU B 186 -16.42 -29.85 -12.85
CA GLU B 186 -15.89 -28.80 -11.97
C GLU B 186 -14.38 -28.89 -11.74
N ILE B 187 -13.94 -30.04 -11.23
CA ILE B 187 -12.54 -30.26 -10.91
C ILE B 187 -11.67 -30.24 -12.17
N ASP B 188 -12.23 -30.69 -13.29
CA ASP B 188 -11.54 -30.63 -14.57
C ASP B 188 -11.20 -29.19 -14.96
N TYR B 189 -12.17 -28.30 -14.78
CA TYR B 189 -12.01 -26.88 -15.07
C TYR B 189 -11.03 -26.20 -14.10
N THR B 190 -11.32 -26.31 -12.80
CA THR B 190 -10.51 -25.63 -11.79
C THR B 190 -9.07 -26.13 -11.72
N SER B 191 -8.87 -27.44 -11.76
CA SER B 191 -7.52 -27.98 -11.72
C SER B 191 -6.73 -27.56 -12.95
N LYS B 192 -7.41 -27.46 -14.09
CA LYS B 192 -6.77 -26.98 -15.30
C LYS B 192 -6.31 -25.55 -15.11
N ILE B 193 -7.10 -24.77 -14.38
CA ILE B 193 -6.71 -23.41 -14.06
C ILE B 193 -5.50 -23.37 -13.10
N VAL B 194 -5.50 -24.27 -12.13
CA VAL B 194 -4.50 -24.31 -11.07
C VAL B 194 -3.11 -24.77 -11.54
N GLN B 195 -3.08 -25.77 -12.43
CA GLN B 195 -1.82 -26.35 -12.90
C GLN B 195 -0.95 -26.86 -11.75
N PRO B 196 -1.38 -27.95 -11.10
CA PRO B 196 -0.70 -28.46 -9.90
C PRO B 196 0.51 -29.33 -10.20
N HIS B 197 1.47 -29.33 -9.28
CA HIS B 197 2.62 -30.25 -9.37
C HIS B 197 2.27 -31.55 -8.67
N VAL B 198 1.51 -31.43 -7.60
CA VAL B 198 1.05 -32.59 -6.84
C VAL B 198 -0.46 -32.52 -6.70
N ALA B 199 -1.14 -33.62 -7.05
CA ALA B 199 -2.59 -33.66 -6.96
C ALA B 199 -3.08 -35.03 -6.49
N GLY B 200 -4.27 -35.07 -5.91
CA GLY B 200 -4.81 -36.32 -5.43
C GLY B 200 -6.16 -36.25 -4.73
N ILE B 201 -6.69 -37.44 -4.44
CA ILE B 201 -7.98 -37.60 -3.79
C ILE B 201 -7.80 -38.19 -2.39
N LEU B 202 -8.48 -37.62 -1.40
CA LEU B 202 -8.40 -38.18 -0.05
C LEU B 202 -9.28 -39.44 0.05
N ASN B 203 -10.51 -39.34 -0.45
CA ASN B 203 -11.45 -40.45 -0.39
C ASN B 203 -12.68 -40.24 -1.27
N ILE B 204 -13.40 -41.31 -1.54
CA ILE B 204 -14.66 -41.25 -2.26
C ILE B 204 -15.79 -41.66 -1.31
N GLY B 205 -16.51 -40.68 -0.79
CA GLY B 205 -17.53 -40.94 0.21
C GLY B 205 -18.94 -40.87 -0.32
N THR B 206 -19.80 -40.13 0.39
CA THR B 206 -21.21 -40.09 0.05
C THR B 206 -21.74 -38.66 -0.06
N ALA B 207 -20.83 -37.69 -0.09
CA ALA B 207 -21.24 -36.30 -0.18
C ALA B 207 -21.68 -35.98 -1.61
N HIS B 208 -22.74 -35.20 -1.73
CA HIS B 208 -23.31 -34.80 -3.03
C HIS B 208 -23.80 -36.00 -3.81
N LEU B 209 -24.28 -37.00 -3.10
CA LEU B 209 -24.77 -38.23 -3.73
C LEU B 209 -25.93 -37.94 -4.69
N GLY B 210 -26.65 -36.86 -4.42
CA GLY B 210 -27.77 -36.47 -5.26
C GLY B 210 -27.35 -35.93 -6.61
N GLU B 211 -26.33 -35.08 -6.62
CA GLU B 211 -25.85 -34.45 -7.84
C GLU B 211 -25.21 -35.45 -8.80
N PHE B 212 -24.41 -36.37 -8.28
CA PHE B 212 -23.68 -37.31 -9.12
C PHE B 212 -24.43 -38.62 -9.30
N GLY B 213 -25.43 -38.85 -8.45
CA GLY B 213 -26.22 -40.06 -8.50
C GLY B 213 -25.36 -41.30 -8.33
N GLY B 214 -24.89 -41.52 -7.12
CA GLY B 214 -24.06 -42.69 -6.84
C GLY B 214 -22.59 -42.34 -6.67
N ARG B 215 -21.89 -43.16 -5.88
CA ARG B 215 -20.48 -42.93 -5.60
C ARG B 215 -19.61 -43.10 -6.84
N ASP B 216 -20.14 -43.78 -7.85
CA ASP B 216 -19.44 -43.95 -9.12
C ASP B 216 -19.29 -42.59 -9.80
N GLY B 217 -20.31 -41.76 -9.65
CA GLY B 217 -20.29 -40.42 -10.22
C GLY B 217 -19.30 -39.54 -9.49
N ILE B 218 -19.21 -39.72 -8.18
CA ILE B 218 -18.26 -38.99 -7.35
C ILE B 218 -16.84 -39.34 -7.74
N CYS B 219 -16.57 -40.64 -7.84
CA CYS B 219 -15.24 -41.09 -8.24
C CYS B 219 -14.88 -40.57 -9.62
N ARG B 220 -15.82 -40.70 -10.55
CA ARG B 220 -15.60 -40.24 -11.92
C ARG B 220 -15.37 -38.74 -11.99
N ALA B 221 -16.02 -37.98 -11.11
CA ALA B 221 -15.90 -36.52 -11.11
C ALA B 221 -14.60 -36.06 -10.45
N KCX B 222 -14.14 -36.80 -9.45
CA KCX B 222 -13.00 -36.41 -8.72
CB KCX B 222 -13.10 -36.90 -7.28
CG KCX B 222 -14.30 -36.18 -6.66
CD KCX B 222 -14.41 -36.44 -5.15
CE KCX B 222 -14.37 -35.09 -4.45
NZ KCX B 222 -15.66 -34.79 -3.84
C KCX B 222 -11.72 -36.88 -9.40
O KCX B 222 -10.65 -36.25 -9.22
CX KCX B 222 -15.88 -33.50 -3.26
OQ1 KCX B 222 -15.09 -32.55 -3.50
OQ2 KCX B 222 -16.88 -33.31 -2.48
N SER B 223 -11.80 -37.95 -10.18
CA SER B 223 -10.63 -38.45 -10.90
C SER B 223 -10.13 -37.46 -11.95
N GLU B 224 -10.90 -36.39 -12.19
CA GLU B 224 -10.53 -35.37 -13.16
C GLU B 224 -9.30 -34.58 -12.72
N ILE B 225 -8.97 -34.68 -11.43
CA ILE B 225 -7.89 -33.90 -10.84
C ILE B 225 -6.52 -34.39 -11.29
N TYR B 226 -6.47 -35.58 -11.87
CA TYR B 226 -5.21 -36.18 -12.32
C TYR B 226 -4.86 -35.77 -13.74
N ARG B 227 -5.84 -35.24 -14.47
CA ARG B 227 -5.68 -34.90 -15.89
C ARG B 227 -4.71 -33.77 -16.16
N HIS B 228 -4.59 -32.82 -15.23
CA HIS B 228 -3.82 -31.62 -15.50
C HIS B 228 -2.61 -31.48 -14.59
N ILE B 229 -2.07 -32.60 -14.12
CA ILE B 229 -0.83 -32.59 -13.36
C ILE B 229 0.34 -32.32 -14.29
N LEU B 230 1.15 -31.33 -13.94
CA LEU B 230 2.32 -30.96 -14.71
C LEU B 230 3.30 -32.13 -14.85
N PRO B 231 4.05 -32.18 -15.96
CA PRO B 231 5.09 -33.19 -16.15
C PRO B 231 6.07 -33.23 -14.98
N GLN B 232 6.58 -34.42 -14.66
CA GLN B 232 7.38 -34.67 -13.46
C GLN B 232 6.57 -34.47 -12.18
N GLY B 233 5.25 -34.42 -12.33
CA GLY B 233 4.35 -34.24 -11.20
C GLY B 233 4.05 -35.55 -10.50
N VAL B 234 3.46 -35.45 -9.31
CA VAL B 234 3.14 -36.65 -8.54
C VAL B 234 1.65 -36.70 -8.21
N ALA B 235 1.04 -37.85 -8.50
CA ALA B 235 -0.36 -38.09 -8.17
C ALA B 235 -0.47 -38.80 -6.83
N ILE B 236 -1.42 -38.38 -5.99
CA ILE B 236 -1.62 -39.02 -4.69
C ILE B 236 -2.92 -39.81 -4.67
N VAL B 237 -2.83 -41.12 -4.45
CA VAL B 237 -4.02 -41.96 -4.43
C VAL B 237 -4.22 -42.66 -3.09
N PRO B 238 -5.48 -42.90 -2.71
CA PRO B 238 -5.80 -43.66 -1.50
C PRO B 238 -5.55 -45.15 -1.72
N GLN B 239 -4.83 -45.79 -0.80
CA GLN B 239 -4.55 -47.22 -0.93
C GLN B 239 -5.77 -48.03 -0.51
N GLN B 240 -6.47 -47.56 0.52
CA GLN B 240 -7.61 -48.27 1.06
C GLN B 240 -8.92 -47.52 0.79
N ASP B 241 -9.41 -47.62 -0.43
CA ASP B 241 -10.66 -46.98 -0.81
C ASP B 241 -11.42 -47.86 -1.78
N ASP B 242 -12.74 -47.77 -1.78
CA ASP B 242 -13.57 -48.63 -2.62
C ASP B 242 -13.29 -48.46 -4.11
N PHE B 243 -12.74 -47.31 -4.47
CA PHE B 243 -12.51 -47.00 -5.89
C PHE B 243 -11.03 -46.85 -6.21
N THR B 244 -10.18 -47.49 -5.41
CA THR B 244 -8.73 -47.38 -5.57
C THR B 244 -8.27 -47.78 -6.98
N ALA B 245 -8.87 -48.83 -7.53
CA ALA B 245 -8.45 -49.33 -8.84
C ALA B 245 -8.71 -48.31 -9.96
N GLU B 246 -9.93 -47.80 -10.03
CA GLU B 246 -10.28 -46.79 -11.03
C GLU B 246 -9.42 -45.54 -10.90
N ILE B 247 -9.04 -45.21 -9.68
CA ILE B 247 -8.19 -44.06 -9.41
C ILE B 247 -6.76 -44.33 -9.90
N ARG B 248 -6.25 -45.52 -9.62
CA ARG B 248 -4.93 -45.91 -10.12
C ARG B 248 -4.92 -45.83 -11.64
N GLU B 249 -6.03 -46.20 -12.26
CA GLU B 249 -6.18 -46.08 -13.70
C GLU B 249 -6.14 -44.61 -14.15
N ALA B 250 -6.90 -43.77 -13.45
CA ALA B 250 -6.95 -42.35 -13.77
C ALA B 250 -5.58 -41.69 -13.59
N ALA B 251 -4.73 -42.28 -12.77
CA ALA B 251 -3.44 -41.67 -12.43
C ALA B 251 -2.25 -42.44 -13.01
N LYS B 252 -2.52 -43.37 -13.92
CA LYS B 252 -1.48 -44.26 -14.45
C LYS B 252 -0.39 -43.54 -15.24
N SER B 253 -0.67 -42.33 -15.72
CA SER B 253 0.30 -41.60 -16.54
C SER B 253 1.27 -40.76 -15.69
N HIS B 254 1.21 -40.92 -14.37
CA HIS B 254 2.10 -40.18 -13.48
C HIS B 254 2.80 -41.06 -12.46
N GLN B 255 3.79 -40.48 -11.78
CA GLN B 255 4.40 -41.11 -10.62
C GLN B 255 3.39 -41.07 -9.49
N ILE B 256 3.21 -42.17 -8.79
CA ILE B 256 2.16 -42.25 -7.77
C ILE B 256 2.71 -42.52 -6.36
N MET B 257 2.26 -41.72 -5.41
CA MET B 257 2.45 -42.00 -3.99
C MET B 257 1.10 -42.33 -3.37
N SER B 258 1.03 -43.41 -2.59
CA SER B 258 -0.23 -43.80 -1.99
C SER B 258 -0.16 -43.77 -0.46
N PHE B 259 -1.29 -43.48 0.17
CA PHE B 259 -1.38 -43.47 1.63
C PHE B 259 -2.42 -44.49 2.10
N GLY B 260 -2.16 -45.09 3.26
CA GLY B 260 -3.03 -46.11 3.79
C GLY B 260 -2.28 -47.42 3.95
N GLU B 261 -2.90 -48.38 4.60
CA GLU B 261 -2.29 -49.69 4.82
C GLU B 261 -1.89 -50.36 3.51
N GLY B 262 -0.61 -50.65 3.36
CA GLY B 262 -0.08 -51.28 2.16
C GLY B 262 0.54 -50.28 1.20
N GLY B 263 0.34 -49.00 1.46
CA GLY B 263 0.89 -47.95 0.61
C GLY B 263 2.26 -47.50 1.07
N ASP B 264 2.73 -46.39 0.51
CA ASP B 264 4.03 -45.84 0.88
C ASP B 264 3.99 -45.19 2.25
N VAL B 265 2.91 -44.48 2.54
CA VAL B 265 2.75 -43.79 3.81
C VAL B 265 1.58 -44.36 4.60
N PHE B 266 1.86 -44.88 5.79
CA PHE B 266 0.78 -45.45 6.60
C PHE B 266 1.02 -45.30 8.10
N ALA B 267 0.01 -45.67 8.89
CA ALA B 267 0.10 -45.52 10.33
C ALA B 267 -0.15 -46.83 11.04
N THR B 268 0.63 -47.11 12.07
CA THR B 268 0.44 -48.32 12.88
C THR B 268 0.46 -47.95 14.36
N GLU B 269 0.05 -48.88 15.20
CA GLU B 269 0.03 -48.68 16.66
C GLU B 269 -0.75 -47.41 17.02
N ILE B 270 -1.94 -47.29 16.43
CA ILE B 270 -2.78 -46.12 16.62
C ILE B 270 -3.49 -46.12 17.97
N GLU B 271 -3.27 -45.07 18.75
CA GLU B 271 -3.98 -44.86 20.00
C GLU B 271 -4.90 -43.65 19.88
N LEU B 272 -6.20 -43.91 19.97
CA LEU B 272 -7.20 -42.86 19.89
C LEU B 272 -7.46 -42.28 21.28
N LEU B 273 -7.34 -40.97 21.38
CA LEU B 273 -7.58 -40.26 22.62
C LEU B 273 -8.72 -39.28 22.44
N PRO B 274 -9.45 -38.97 23.53
CA PRO B 274 -10.64 -38.11 23.50
C PRO B 274 -10.53 -36.89 22.60
N GLN B 275 -9.38 -36.23 22.59
CA GLN B 275 -9.21 -35.04 21.76
C GLN B 275 -7.97 -35.12 20.87
N SER B 276 -7.39 -36.31 20.74
CA SER B 276 -6.15 -36.43 19.99
C SER B 276 -5.91 -37.84 19.50
N ALA B 277 -4.77 -38.06 18.86
CA ALA B 277 -4.40 -39.40 18.40
C ALA B 277 -2.89 -39.52 18.34
N ASN B 278 -2.36 -40.58 18.93
CA ASN B 278 -0.93 -40.85 18.84
C ASN B 278 -0.69 -42.05 17.95
N PHE B 279 0.32 -42.00 17.09
CA PHE B 279 0.56 -43.16 16.23
C PHE B 279 1.97 -43.23 15.68
N GLN B 280 2.30 -44.40 15.12
CA GLN B 280 3.58 -44.62 14.46
C GLN B 280 3.45 -44.38 12.97
N LEU B 281 4.12 -43.34 12.47
CA LEU B 281 4.08 -42.98 11.07
C LEU B 281 5.20 -43.65 10.29
N HIS B 282 4.81 -44.36 9.22
CA HIS B 282 5.75 -45.07 8.37
C HIS B 282 5.77 -44.47 6.96
N THR B 283 6.95 -44.00 6.57
CA THR B 283 7.16 -43.41 5.25
C THR B 283 8.43 -44.00 4.64
N PRO B 284 8.58 -43.92 3.31
CA PRO B 284 9.82 -44.38 2.67
C PRO B 284 11.04 -43.56 3.10
N GLN B 285 10.80 -42.44 3.75
CA GLN B 285 11.87 -41.59 4.24
C GLN B 285 12.14 -41.86 5.72
N GLY B 286 11.53 -42.91 6.25
CA GLY B 286 11.76 -43.31 7.63
C GLY B 286 10.48 -43.38 8.44
N SER B 287 10.64 -43.64 9.74
CA SER B 287 9.51 -43.73 10.65
C SER B 287 9.62 -42.72 11.78
N SER B 288 8.48 -42.29 12.29
CA SER B 288 8.47 -41.32 13.38
C SER B 288 7.19 -41.40 14.19
N PHE B 289 7.29 -41.14 15.49
CA PHE B 289 6.11 -41.13 16.33
C PHE B 289 5.43 -39.77 16.21
N VAL B 290 4.11 -39.78 16.08
CA VAL B 290 3.34 -38.56 15.85
C VAL B 290 2.24 -38.37 16.88
N ARG B 291 2.25 -37.20 17.52
CA ARG B 291 1.16 -36.79 18.41
C ARG B 291 0.25 -35.79 17.70
N LEU B 292 -0.74 -36.32 17.01
CA LEU B 292 -1.68 -35.51 16.24
C LEU B 292 -2.77 -34.90 17.14
N PRO B 293 -2.90 -33.57 17.12
CA PRO B 293 -3.92 -32.81 17.85
C PRO B 293 -5.30 -32.87 17.20
N PHE B 294 -5.59 -33.97 16.52
CA PHE B 294 -6.90 -34.17 15.90
C PHE B 294 -7.48 -35.51 16.36
N ALA B 295 -8.75 -35.50 16.74
CA ALA B 295 -9.40 -36.70 17.22
C ALA B 295 -9.95 -37.54 16.06
N GLY B 296 -10.02 -38.85 16.27
CA GLY B 296 -10.61 -39.75 15.30
C GLY B 296 -9.59 -40.41 14.38
N GLU B 297 -9.89 -41.63 13.98
CA GLU B 297 -9.02 -42.37 13.08
C GLU B 297 -9.02 -41.76 11.69
N HIS B 298 -10.15 -41.13 11.33
CA HIS B 298 -10.26 -40.51 10.02
C HIS B 298 -9.26 -39.37 9.87
N ASN B 299 -8.96 -38.70 10.97
CA ASN B 299 -7.96 -37.65 10.96
C ASN B 299 -6.53 -38.20 10.94
N VAL B 300 -6.36 -39.45 11.34
CA VAL B 300 -5.07 -40.11 11.21
C VAL B 300 -4.81 -40.34 9.74
N GLN B 301 -5.81 -40.90 9.07
CA GLN B 301 -5.75 -41.16 7.65
C GLN B 301 -5.46 -39.88 6.87
N ASN B 302 -6.24 -38.83 7.16
CA ASN B 302 -6.01 -37.53 6.54
C ASN B 302 -4.57 -37.10 6.73
N ALA B 303 -4.04 -37.29 7.95
CA ALA B 303 -2.68 -36.88 8.25
C ALA B 303 -1.70 -37.58 7.31
N THR B 304 -1.89 -38.89 7.15
CA THR B 304 -1.01 -39.66 6.28
C THR B 304 -1.07 -39.07 4.88
N ALA B 305 -2.27 -38.70 4.44
CA ALA B 305 -2.43 -38.10 3.11
C ALA B 305 -1.56 -36.85 3.02
N ALA B 306 -1.67 -35.99 4.03
CA ALA B 306 -0.89 -34.77 4.06
C ALA B 306 0.60 -35.10 3.94
N VAL B 307 1.02 -36.14 4.65
CA VAL B 307 2.41 -36.55 4.63
C VAL B 307 2.81 -36.86 3.20
N ALA B 308 1.98 -37.66 2.53
CA ALA B 308 2.22 -38.06 1.15
C ALA B 308 2.38 -36.83 0.26
N PHE B 309 1.56 -35.82 0.49
CA PHE B 309 1.68 -34.60 -0.28
C PHE B 309 3.04 -33.94 -0.03
N ALA B 310 3.38 -33.76 1.24
CA ALA B 310 4.60 -33.06 1.62
C ALA B 310 5.84 -33.75 1.06
N LEU B 311 5.89 -35.08 1.19
CA LEU B 311 6.98 -35.86 0.63
C LEU B 311 7.11 -35.63 -0.87
N ALA B 312 5.97 -35.55 -1.57
CA ALA B 312 5.99 -35.30 -3.00
C ALA B 312 6.61 -33.95 -3.35
N LEU B 313 6.52 -32.99 -2.42
CA LEU B 313 7.14 -31.68 -2.63
C LEU B 313 8.58 -31.66 -2.15
N GLY B 314 9.03 -32.75 -1.54
CA GLY B 314 10.41 -32.85 -1.09
C GLY B 314 10.66 -32.34 0.31
N VAL B 315 9.61 -32.19 1.10
CA VAL B 315 9.75 -31.76 2.49
C VAL B 315 10.33 -32.89 3.33
N SER B 316 11.27 -32.56 4.22
CA SER B 316 11.88 -33.56 5.10
C SER B 316 10.87 -34.04 6.13
N LEU B 317 11.04 -35.27 6.60
CA LEU B 317 10.10 -35.88 7.53
C LEU B 317 9.99 -35.11 8.85
N GLU B 318 11.11 -34.56 9.32
CA GLU B 318 11.13 -33.81 10.57
C GLU B 318 10.23 -32.58 10.50
N ASP B 319 10.31 -31.84 9.40
CA ASP B 319 9.48 -30.65 9.21
C ASP B 319 8.01 -31.05 9.08
N ILE B 320 7.77 -32.23 8.55
CA ILE B 320 6.42 -32.74 8.39
C ILE B 320 5.81 -33.06 9.75
N VAL B 321 6.56 -33.75 10.60
CA VAL B 321 6.09 -34.07 11.94
C VAL B 321 5.89 -32.81 12.77
N LYS B 322 6.86 -31.90 12.70
CA LYS B 322 6.75 -30.62 13.40
C LYS B 322 5.51 -29.85 12.96
N GLY B 323 5.25 -29.82 11.65
CA GLY B 323 4.09 -29.11 11.12
C GLY B 323 2.79 -29.76 11.54
N LEU B 324 2.78 -31.09 11.53
CA LEU B 324 1.61 -31.87 11.89
C LEU B 324 1.21 -31.68 13.35
N GLU B 325 2.19 -31.80 14.24
CA GLU B 325 1.92 -31.77 15.68
C GLU B 325 1.43 -30.41 16.20
N GLN B 326 1.58 -29.36 15.39
CA GLN B 326 1.13 -28.03 15.82
C GLN B 326 0.08 -27.42 14.90
N ALA B 327 -0.64 -28.27 14.17
CA ALA B 327 -1.69 -27.80 13.28
C ALA B 327 -2.96 -27.50 14.06
N GLN B 328 -3.82 -26.65 13.49
CA GLN B 328 -5.07 -26.29 14.14
C GLN B 328 -6.25 -26.56 13.21
N GLY B 329 -7.33 -27.08 13.77
CA GLY B 329 -8.51 -27.41 13.00
C GLY B 329 -9.34 -26.19 12.68
N ALA B 330 -10.16 -26.30 11.65
CA ALA B 330 -11.03 -25.21 11.24
C ALA B 330 -12.27 -25.14 12.13
N LYS B 331 -12.93 -23.98 12.12
CA LYS B 331 -14.12 -23.78 12.94
C LYS B 331 -15.27 -24.66 12.48
N GLY B 332 -15.94 -25.31 13.43
CA GLY B 332 -17.09 -26.14 13.12
C GLY B 332 -16.72 -27.56 12.74
N ARG B 333 -15.44 -27.87 12.80
CA ARG B 333 -14.96 -29.23 12.53
C ARG B 333 -14.39 -29.86 13.79
N LEU B 334 -15.26 -30.56 14.53
CA LEU B 334 -14.89 -31.21 15.79
C LEU B 334 -14.16 -30.28 16.77
N ASN B 335 -14.77 -29.14 17.06
CA ASN B 335 -14.22 -28.23 18.07
C ASN B 335 -14.72 -28.60 19.44
N PHE B 336 -13.80 -28.92 20.34
CA PHE B 336 -14.18 -29.29 21.70
C PHE B 336 -14.39 -28.07 22.57
N ILE B 337 -15.64 -27.85 22.95
CA ILE B 337 -16.01 -26.76 23.83
C ILE B 337 -16.36 -27.33 25.20
N GLN B 338 -15.66 -26.87 26.23
CA GLN B 338 -15.92 -27.36 27.58
C GLN B 338 -16.77 -26.39 28.38
N LYS B 339 -17.91 -26.87 28.86
CA LYS B 339 -18.78 -26.07 29.71
C LYS B 339 -19.16 -26.89 30.93
N ALA B 340 -18.36 -26.75 31.99
CA ALA B 340 -18.37 -27.67 33.11
C ALA B 340 -19.75 -27.86 33.74
N PRO B 341 -20.06 -29.11 34.14
CA PRO B 341 -19.18 -30.27 34.00
C PRO B 341 -19.33 -31.01 32.67
N HIS B 342 -19.92 -30.35 31.67
CA HIS B 342 -20.27 -31.02 30.42
C HIS B 342 -19.32 -30.72 29.26
N LEU B 343 -19.32 -31.60 28.28
CA LEU B 343 -18.54 -31.44 27.06
C LEU B 343 -19.44 -31.31 25.84
N PHE B 344 -19.15 -30.33 24.99
CA PHE B 344 -19.90 -30.13 23.76
C PHE B 344 -18.95 -30.21 22.56
N ILE B 345 -19.31 -31.02 21.57
CA ILE B 345 -18.49 -31.13 20.38
C ILE B 345 -19.16 -30.43 19.19
N ASP B 346 -18.56 -29.33 18.77
CA ASP B 346 -19.07 -28.56 17.63
C ASP B 346 -18.58 -29.16 16.31
N ASP B 347 -19.48 -29.87 15.63
CA ASP B 347 -19.18 -30.45 14.32
C ASP B 347 -20.28 -30.05 13.35
N THR B 348 -20.70 -28.79 13.44
CA THR B 348 -21.92 -28.33 12.81
C THR B 348 -21.71 -27.59 11.49
N TYR B 349 -20.49 -27.64 10.96
CA TYR B 349 -20.23 -26.92 9.72
C TYR B 349 -20.97 -27.58 8.56
N ASN B 350 -20.69 -28.85 8.31
CA ASN B 350 -21.41 -29.61 7.30
C ASN B 350 -21.61 -31.06 7.72
N ALA B 351 -22.21 -31.85 6.84
CA ALA B 351 -22.46 -33.25 7.16
C ALA B 351 -22.79 -34.11 5.94
N ASN B 352 -22.31 -35.35 5.98
CA ASN B 352 -22.68 -36.37 5.01
C ASN B 352 -22.63 -37.71 5.75
N PRO B 353 -23.31 -38.74 5.22
CA PRO B 353 -23.40 -40.04 5.91
C PRO B 353 -22.08 -40.57 6.49
N THR B 354 -20.99 -40.43 5.74
CA THR B 354 -19.68 -40.93 6.18
C THR B 354 -19.13 -40.15 7.37
N SER B 355 -19.15 -38.82 7.26
CA SER B 355 -18.62 -37.95 8.29
C SER B 355 -19.48 -38.04 9.55
N MET B 356 -20.76 -38.40 9.38
CA MET B 356 -21.64 -38.64 10.51
C MET B 356 -21.18 -39.84 11.32
N ARG B 357 -20.85 -40.91 10.62
CA ARG B 357 -20.34 -42.12 11.26
C ARG B 357 -18.99 -41.87 11.94
N ALA B 358 -18.13 -41.10 11.29
CA ALA B 358 -16.84 -40.76 11.88
C ALA B 358 -17.04 -39.94 13.16
N ALA B 359 -17.95 -38.98 13.11
CA ALA B 359 -18.30 -38.17 14.25
C ALA B 359 -18.81 -39.05 15.39
N ALA B 360 -19.57 -40.08 15.02
CA ALA B 360 -20.06 -41.04 15.98
C ALA B 360 -18.91 -41.76 16.68
N GLN B 361 -17.88 -42.13 15.93
CA GLN B 361 -16.70 -42.76 16.51
C GLN B 361 -15.98 -41.84 17.50
N VAL B 362 -15.82 -40.58 17.09
CA VAL B 362 -15.17 -39.60 17.95
C VAL B 362 -15.95 -39.45 19.25
N LEU B 363 -17.29 -39.42 19.13
CA LEU B 363 -18.14 -39.32 20.31
C LEU B 363 -17.97 -40.56 21.19
N LEU B 364 -17.77 -41.72 20.55
CA LEU B 364 -17.56 -42.96 21.28
C LEU B 364 -16.24 -42.92 22.06
N GLN B 365 -15.33 -42.04 21.64
CA GLN B 365 -14.06 -41.94 22.37
C GLN B 365 -14.16 -41.10 23.66
N GLN B 366 -15.33 -40.51 23.91
CA GLN B 366 -15.48 -39.58 25.03
C GLN B 366 -15.93 -40.25 26.33
N ASN B 367 -16.01 -39.45 27.40
CA ASN B 367 -16.44 -39.92 28.71
C ASN B 367 -17.81 -39.38 29.11
N GLY B 368 -18.51 -40.12 29.96
CA GLY B 368 -19.83 -39.70 30.41
C GLY B 368 -20.94 -40.15 29.47
N ILE B 369 -22.14 -39.65 29.71
CA ILE B 369 -23.30 -40.02 28.91
C ILE B 369 -23.20 -39.45 27.51
N LYS B 370 -22.99 -40.32 26.52
CA LYS B 370 -22.81 -39.89 25.15
C LYS B 370 -24.13 -39.67 24.43
N VAL B 371 -24.30 -38.46 23.91
CA VAL B 371 -25.51 -38.12 23.17
C VAL B 371 -25.17 -37.38 21.88
N MET B 372 -25.68 -37.90 20.76
CA MET B 372 -25.45 -37.24 19.48
C MET B 372 -26.70 -36.53 19.01
N VAL B 373 -26.55 -35.24 18.71
CA VAL B 373 -27.63 -34.43 18.17
C VAL B 373 -27.36 -34.13 16.69
N MET B 374 -28.09 -34.81 15.82
CA MET B 374 -27.90 -34.67 14.38
C MET B 374 -29.07 -34.00 13.69
N GLY B 375 -28.78 -33.23 12.65
CA GLY B 375 -29.79 -32.58 11.84
C GLY B 375 -29.88 -33.25 10.48
N ASP B 376 -30.63 -32.62 9.57
CA ASP B 376 -30.77 -33.16 8.21
C ASP B 376 -29.45 -33.15 7.46
N ILE B 377 -29.38 -33.95 6.40
CA ILE B 377 -28.24 -33.95 5.50
C ILE B 377 -28.74 -33.66 4.08
N GLY B 378 -28.19 -32.62 3.45
CA GLY B 378 -28.66 -32.21 2.14
C GLY B 378 -27.88 -32.85 1.02
N GLU B 379 -28.21 -32.47 -0.21
CA GLU B 379 -27.49 -32.91 -1.42
C GLU B 379 -27.50 -34.42 -1.62
N LEU B 380 -28.39 -35.13 -0.94
CA LEU B 380 -28.50 -36.57 -1.10
C LEU B 380 -29.50 -36.97 -2.18
N GLY B 381 -30.43 -36.07 -2.49
CA GLY B 381 -31.44 -36.34 -3.51
C GLY B 381 -32.42 -37.43 -3.12
N ASP B 382 -32.75 -38.28 -4.08
CA ASP B 382 -33.72 -39.35 -3.85
C ASP B 382 -33.24 -40.36 -2.82
N SER B 383 -31.93 -40.41 -2.60
CA SER B 383 -31.37 -41.35 -1.64
C SER B 383 -31.56 -40.86 -0.20
N SER B 384 -31.91 -39.57 -0.06
CA SER B 384 -31.98 -38.91 1.25
C SER B 384 -32.65 -39.76 2.32
N TRP B 385 -33.95 -39.99 2.14
CA TRP B 385 -34.74 -40.78 3.08
C TRP B 385 -34.05 -42.09 3.40
N GLN B 386 -33.59 -42.79 2.35
CA GLN B 386 -32.90 -44.06 2.53
C GLN B 386 -31.65 -43.89 3.38
N GLU B 387 -30.82 -42.91 3.04
CA GLU B 387 -29.56 -42.69 3.76
C GLU B 387 -29.83 -42.47 5.24
N HIS B 388 -30.64 -41.47 5.55
CA HIS B 388 -31.05 -41.19 6.93
C HIS B 388 -31.59 -42.44 7.61
N HIS B 389 -32.27 -43.30 6.85
CA HIS B 389 -32.75 -44.55 7.41
C HIS B 389 -31.57 -45.39 7.89
N ASP B 390 -30.66 -45.70 6.95
CA ASP B 390 -29.54 -46.57 7.25
C ASP B 390 -28.66 -45.96 8.33
N LEU B 391 -28.55 -44.63 8.32
CA LEU B 391 -27.77 -43.92 9.31
C LEU B 391 -28.35 -44.23 10.67
N GLY B 392 -29.67 -44.08 10.78
CA GLY B 392 -30.36 -44.34 12.03
C GLY B 392 -30.19 -45.79 12.46
N ARG B 393 -29.98 -46.66 11.48
CA ARG B 393 -29.80 -48.07 11.76
C ARG B 393 -28.42 -48.33 12.33
N ASP B 394 -27.44 -47.56 11.85
CA ASP B 394 -26.05 -47.82 12.22
C ASP B 394 -25.63 -47.07 13.47
N LEU B 395 -26.28 -45.94 13.74
CA LEU B 395 -25.99 -45.15 14.94
C LEU B 395 -26.59 -45.79 16.19
N ALA B 396 -27.74 -46.45 16.01
CA ALA B 396 -28.44 -47.08 17.12
C ALA B 396 -27.77 -48.38 17.53
N GLU B 397 -27.04 -48.99 16.61
CA GLU B 397 -26.31 -50.22 16.87
C GLU B 397 -25.09 -49.93 17.76
N LEU B 398 -24.59 -48.70 17.69
CA LEU B 398 -23.44 -48.28 18.47
C LEU B 398 -23.79 -48.12 19.94
N PRO B 399 -22.79 -48.26 20.83
CA PRO B 399 -23.01 -48.05 22.28
C PRO B 399 -23.19 -46.58 22.65
N LEU B 400 -24.07 -45.88 21.94
CA LEU B 400 -24.41 -44.51 22.28
C LEU B 400 -25.60 -44.49 23.23
N ASP B 401 -25.55 -43.62 24.23
CA ASP B 401 -26.64 -43.54 25.20
C ASP B 401 -27.90 -42.93 24.59
N HIS B 402 -27.77 -41.80 23.91
CA HIS B 402 -28.93 -41.12 23.32
C HIS B 402 -28.66 -40.49 21.96
N ILE B 403 -29.65 -40.60 21.08
CA ILE B 403 -29.57 -39.98 19.76
C ILE B 403 -30.79 -39.12 19.47
N VAL B 404 -30.55 -37.86 19.14
CA VAL B 404 -31.61 -36.92 18.85
C VAL B 404 -31.51 -36.42 17.41
N ALA B 405 -32.47 -36.84 16.58
CA ALA B 405 -32.52 -36.41 15.19
C ALA B 405 -33.52 -35.26 15.02
N VAL B 406 -33.10 -34.21 14.32
CA VAL B 406 -33.93 -33.02 14.11
C VAL B 406 -34.00 -32.65 12.63
N GLY B 407 -35.22 -32.58 12.09
CA GLY B 407 -35.40 -32.22 10.70
C GLY B 407 -36.41 -33.08 9.96
N GLN B 408 -36.56 -32.81 8.66
CA GLN B 408 -37.50 -33.52 7.81
C GLN B 408 -37.34 -35.05 7.86
N PHE B 409 -36.11 -35.51 7.74
CA PHE B 409 -35.87 -36.95 7.65
C PHE B 409 -35.62 -37.61 9.01
N ALA B 410 -35.92 -36.88 10.09
CA ALA B 410 -35.75 -37.42 11.42
C ALA B 410 -36.62 -38.67 11.57
N SER B 411 -37.84 -38.57 11.06
CA SER B 411 -38.76 -39.70 11.04
C SER B 411 -38.09 -40.91 10.39
N ALA B 412 -37.45 -40.66 9.25
CA ALA B 412 -36.73 -41.71 8.51
C ALA B 412 -35.72 -42.39 9.42
N ALA B 413 -35.01 -41.59 10.22
CA ALA B 413 -34.02 -42.12 11.15
C ALA B 413 -34.69 -43.03 12.18
N LEU B 414 -35.85 -42.60 12.69
CA LEU B 414 -36.57 -43.35 13.72
C LEU B 414 -36.96 -44.73 13.20
N GLU B 415 -37.42 -44.78 11.95
CA GLU B 415 -37.75 -46.04 11.31
C GLU B 415 -36.52 -46.95 11.22
N GLY B 416 -35.35 -46.34 11.02
CA GLY B 416 -34.13 -47.10 10.83
C GLY B 416 -33.67 -47.87 12.06
N ALA B 417 -34.07 -47.40 13.23
CA ALA B 417 -33.70 -48.05 14.49
C ALA B 417 -34.34 -49.43 14.62
N THR B 422 -36.77 -46.42 20.80
CA THR B 422 -36.16 -47.26 21.82
C THR B 422 -34.93 -46.59 22.44
N LYS B 423 -34.36 -45.64 21.72
CA LYS B 423 -33.17 -44.90 22.16
C LYS B 423 -32.94 -43.71 21.22
N LEU B 424 -33.77 -43.61 20.20
CA LEU B 424 -33.65 -42.54 19.21
C LEU B 424 -34.95 -41.77 19.11
N LYS B 425 -34.93 -40.50 19.52
CA LYS B 425 -36.11 -39.66 19.46
C LYS B 425 -35.99 -38.65 18.33
N ALA B 426 -37.05 -38.55 17.53
CA ALA B 426 -37.04 -37.68 16.37
C ALA B 426 -37.90 -36.43 16.58
N PHE B 427 -37.37 -35.30 16.16
CA PHE B 427 -38.06 -34.02 16.23
C PHE B 427 -37.99 -33.34 14.88
N GLN B 428 -38.69 -32.23 14.72
CA GLN B 428 -38.75 -31.58 13.41
C GLN B 428 -38.27 -30.14 13.47
N THR B 429 -38.35 -29.54 14.65
CA THR B 429 -37.79 -28.21 14.85
C THR B 429 -36.78 -28.26 15.99
N GLN B 430 -35.86 -27.30 15.99
CA GLN B 430 -34.88 -27.19 17.08
C GLN B 430 -35.57 -26.85 18.37
N ALA B 431 -36.53 -25.91 18.29
CA ALA B 431 -37.30 -25.46 19.45
C ALA B 431 -38.00 -26.61 20.17
N GLU B 432 -38.47 -27.59 19.40
CA GLU B 432 -39.14 -28.75 19.98
C GLU B 432 -38.15 -29.72 20.62
N ALA B 433 -36.94 -29.74 20.07
CA ALA B 433 -35.90 -30.66 20.52
C ALA B 433 -35.23 -30.18 21.81
N LEU B 434 -35.14 -28.86 21.96
CA LEU B 434 -34.48 -28.24 23.11
C LEU B 434 -34.97 -28.76 24.49
N PRO B 435 -36.29 -28.80 24.73
CA PRO B 435 -36.72 -29.27 26.05
C PRO B 435 -36.32 -30.72 26.35
N PHE B 436 -36.29 -31.56 25.32
CA PHE B 436 -35.88 -32.95 25.50
C PHE B 436 -34.40 -33.04 25.87
N LEU B 437 -33.60 -32.18 25.26
CA LEU B 437 -32.17 -32.13 25.55
C LEU B 437 -31.94 -31.66 26.98
N ILE B 438 -32.68 -30.63 27.38
CA ILE B 438 -32.67 -30.15 28.75
C ILE B 438 -33.03 -31.27 29.72
N ASN B 439 -34.05 -32.03 29.36
CA ASN B 439 -34.56 -33.10 30.19
C ASN B 439 -33.57 -34.26 30.30
N LEU B 440 -32.76 -34.49 29.27
CA LEU B 440 -31.72 -35.53 29.36
C LEU B 440 -30.69 -35.13 30.41
N ILE B 441 -30.29 -33.87 30.35
CA ILE B 441 -29.32 -33.32 31.29
C ILE B 441 -29.85 -33.42 32.72
N GLN B 442 -31.06 -32.94 32.94
CA GLN B 442 -31.63 -32.97 34.28
C GLN B 442 -31.87 -34.40 34.78
N THR B 443 -32.34 -35.28 33.90
CA THR B 443 -32.57 -36.66 34.32
C THR B 443 -31.26 -37.32 34.74
N HIS B 444 -30.18 -37.00 34.04
CA HIS B 444 -28.88 -37.56 34.39
C HIS B 444 -28.06 -36.63 35.32
N GLN B 445 -28.69 -35.55 35.79
CA GLN B 445 -28.11 -34.52 36.68
C GLN B 445 -26.61 -34.58 37.06
N PRO B 446 -26.19 -35.48 37.99
CA PRO B 446 -24.79 -35.33 38.39
C PRO B 446 -23.78 -35.67 37.30
N GLN B 447 -23.88 -36.87 36.74
CA GLN B 447 -22.92 -37.37 35.76
C GLN B 447 -22.82 -36.48 34.51
N SER B 448 -21.59 -36.22 34.10
CA SER B 448 -21.29 -35.35 32.96
C SER B 448 -21.83 -35.92 31.66
N MET B 449 -22.24 -35.03 30.76
CA MET B 449 -22.79 -35.41 29.47
C MET B 449 -21.83 -35.02 28.36
N SER B 450 -21.82 -35.79 27.29
CA SER B 450 -21.01 -35.48 26.11
C SER B 450 -21.91 -35.32 24.89
N PHE B 451 -22.12 -34.08 24.48
CA PHE B 451 -22.97 -33.78 23.34
C PHE B 451 -22.15 -33.61 22.06
N LEU B 452 -22.59 -34.26 20.98
CA LEU B 452 -21.98 -33.98 19.68
C LEU B 452 -23.02 -33.47 18.70
N PHE B 453 -22.91 -32.20 18.34
CA PHE B 453 -23.85 -31.60 17.40
C PHE B 453 -23.31 -31.68 15.98
N LYS B 454 -24.16 -32.11 15.04
CA LYS B 454 -23.73 -32.23 13.64
C LYS B 454 -24.90 -32.10 12.68
N GLY B 455 -24.64 -31.53 11.51
CA GLY B 455 -25.68 -31.37 10.51
C GLY B 455 -25.19 -30.54 9.33
N SER B 456 -25.97 -30.52 8.26
CA SER B 456 -25.61 -29.75 7.08
C SER B 456 -25.65 -28.25 7.38
N ARG B 457 -25.03 -27.48 6.50
CA ARG B 457 -24.91 -26.03 6.67
C ARG B 457 -26.26 -25.34 6.90
N PHE B 458 -27.25 -25.67 6.10
CA PHE B 458 -28.55 -25.00 6.17
C PHE B 458 -29.31 -25.35 7.45
N THR B 459 -28.89 -26.39 8.14
CA THR B 459 -29.58 -26.83 9.35
C THR B 459 -29.14 -26.01 10.55
N HIS B 460 -27.99 -25.36 10.42
CA HIS B 460 -27.36 -24.55 11.48
C HIS B 460 -27.62 -25.07 12.90
N MET B 461 -27.16 -26.28 13.19
CA MET B 461 -27.39 -26.91 14.49
C MET B 461 -26.65 -26.20 15.63
N GLU B 462 -25.67 -25.36 15.27
CA GLU B 462 -24.90 -24.62 16.26
C GLU B 462 -25.80 -23.61 16.96
N THR B 463 -26.92 -23.28 16.32
CA THR B 463 -27.94 -22.45 16.93
C THR B 463 -28.52 -23.17 18.13
N LEU B 464 -28.81 -24.46 17.96
CA LEU B 464 -29.35 -25.28 19.04
C LEU B 464 -28.33 -25.50 20.14
N MET B 465 -27.07 -25.66 19.75
CA MET B 465 -25.99 -25.91 20.69
C MET B 465 -25.75 -24.71 21.62
N ALA B 466 -25.86 -23.50 21.06
CA ALA B 466 -25.67 -22.28 21.83
C ALA B 466 -26.79 -22.10 22.86
N ASP B 467 -28.02 -22.18 22.40
CA ASP B 467 -29.20 -22.03 23.25
C ASP B 467 -29.27 -23.13 24.31
N LEU B 468 -28.58 -24.24 24.06
CA LEU B 468 -28.48 -25.31 25.04
C LEU B 468 -27.44 -24.97 26.09
N MET B 469 -26.37 -24.30 25.68
CA MET B 469 -25.32 -23.88 26.60
C MET B 469 -25.84 -22.81 27.57
N GLU B 470 -26.84 -22.06 27.12
CA GLU B 470 -27.45 -21.03 27.95
C GLU B 470 -28.21 -21.64 29.12
N LYS B 471 -29.14 -22.53 28.81
CA LYS B 471 -29.95 -23.20 29.83
C LYS B 471 -29.23 -24.43 30.39
PG ATP C . 15.04 25.79 0.32
O1G ATP C . 14.57 27.11 0.06
O2G ATP C . 15.25 25.59 1.73
O3G ATP C . 16.31 25.73 -0.32
PB ATP C . 12.26 24.91 -0.77
O1B ATP C . 12.41 26.09 -1.68
O2B ATP C . 11.26 24.67 0.22
O3B ATP C . 13.85 24.71 -0.28
PA ATP C . 10.79 23.32 -2.80
O1A ATP C . 11.80 23.34 -3.77
O2A ATP C . 9.49 23.74 -3.18
O3A ATP C . 11.44 23.73 -1.39
O5' ATP C . 10.47 21.84 -2.66
C5' ATP C . 11.42 20.83 -2.85
C4' ATP C . 10.94 19.40 -2.56
O4' ATP C . 10.08 19.38 -1.48
C3' ATP C . 10.20 18.80 -3.72
O3' ATP C . 10.95 17.70 -4.23
C2' ATP C . 8.84 18.40 -3.19
O2' ATP C . 8.47 17.05 -3.49
C1' ATP C . 9.01 18.52 -1.73
N9 ATP C . 7.89 19.24 -1.20
C8 ATP C . 7.40 20.36 -1.61
N7 ATP C . 6.39 20.72 -0.85
C5 ATP C . 6.25 19.82 0.10
C6 ATP C . 5.40 19.54 1.26
N6 ATP C . 4.40 20.32 1.66
N1 ATP C . 5.65 18.43 1.93
C2 ATP C . 6.60 17.59 1.64
N3 ATP C . 7.39 17.80 0.62
C4 ATP C . 7.26 18.85 -0.15
MG MG D . 14.07 27.44 -2.44
MG MG E . 15.84 24.82 3.75
PG ATP F . -16.46 -29.06 0.99
O1G ATP F . -15.30 -28.61 0.34
O2G ATP F . -17.20 -27.89 1.18
O3G ATP F . -17.24 -29.97 0.14
PB ATP F . -14.54 -30.36 3.21
O1B ATP F . -13.76 -29.13 3.04
O2B ATP F . -14.00 -31.61 2.87
O3B ATP F . -15.98 -29.78 2.49
PA ATP F . -13.73 -30.65 6.12
O1A ATP F . -13.96 -29.37 6.67
O2A ATP F . -12.57 -31.34 6.47
O3A ATP F . -14.48 -30.94 4.67
O5' ATP F . -14.54 -31.27 7.19
C5' ATP F . -15.25 -32.42 6.81
C4' ATP F . -16.20 -32.94 7.87
O4' ATP F . -16.05 -34.32 7.93
C3' ATP F . -15.84 -32.54 9.23
O3' ATP F . -17.00 -32.92 9.91
C2' ATP F . -14.78 -33.52 9.60
O2' ATP F . -14.65 -33.67 10.98
C1' ATP F . -15.28 -34.78 8.97
N9 ATP F . -14.23 -35.49 8.28
C8 ATP F . -13.09 -35.04 7.88
N7 ATP F . -12.41 -35.95 7.26
C5 ATP F . -13.13 -37.03 7.23
C6 ATP F . -13.01 -38.37 6.73
N6 ATP F . -11.95 -38.77 6.09
N1 ATP F . -14.02 -39.19 6.92
C2 ATP F . -15.11 -38.83 7.57
N3 ATP F . -15.27 -37.63 8.06
C4 ATP F . -14.34 -36.71 7.90
MG MG G . -14.05 -26.96 2.37
MG MG H . -18.21 -30.75 -1.68
#